data_3LZX
#
_entry.id   3LZX
#
_cell.length_a   207.466
_cell.length_b   64.850
_cell.length_c   61.116
_cell.angle_alpha   90.00
_cell.angle_beta   105.82
_cell.angle_gamma   90.00
#
_symmetry.space_group_name_H-M   'C 1 2 1'
#
loop_
_entity.id
_entity.type
_entity.pdbx_description
1 polymer 'Ferredoxin--NADP reductase 2'
2 non-polymer 'FLAVIN-ADENINE DINUCLEOTIDE'
3 non-polymer 'NADP NICOTINAMIDE-ADENINE-DINUCLEOTIDE PHOSPHATE'
4 non-polymer 'SODIUM ION'
5 water water
#
_entity_poly.entity_id   1
_entity_poly.type   'polypeptide(L)'
_entity_poly.pdbx_seq_one_letter_code
;MREDTKVYDITIIGGGPVGLFTAFYGGMRQASVKIIESLPQLGGQLSALYPEKYIYDVAGFPKIRAQELINNLKEQMAKF
DQTICLEQAVESVEKQADGVFKLVTNEETHYSKTVIITAGNGAFKPRKLELENAEQYEGKNLHYFVDDLQKFAGRRVAIL
GGGDSAVDWALMLEPIAKEVSIIHRRDKFRAHEHSVENLHASKVNVLTPFVPAELIGEDKIEQLVLEEVKGDRKEILEID
DLIVNYGFVSSLGPIKNWGLDIEKNSIVVKSTMETNIEGFFAAGDICTYEGKVNLIASGFGEAPTAVNNAKAYMDPKARV
QPLHSTSLFENK
;
_entity_poly.pdbx_strand_id   A,B
#
# COMPACT_ATOMS: atom_id res chain seq x y z
N MET A 1 -28.27 -20.39 -15.46
CA MET A 1 -27.51 -20.53 -14.19
C MET A 1 -26.64 -21.76 -14.25
N ARG A 2 -25.41 -21.65 -13.75
CA ARG A 2 -24.54 -22.81 -13.54
C ARG A 2 -23.98 -22.79 -12.14
N GLU A 3 -23.25 -23.84 -11.79
CA GLU A 3 -22.80 -24.01 -10.42
C GLU A 3 -21.38 -24.53 -10.42
N ASP A 4 -20.52 -23.85 -9.67
CA ASP A 4 -19.16 -24.31 -9.42
C ASP A 4 -19.19 -24.90 -8.02
N THR A 5 -19.12 -26.24 -7.93
CA THR A 5 -19.22 -26.93 -6.64
C THR A 5 -17.91 -26.97 -5.83
N LYS A 6 -16.79 -26.56 -6.42
CA LYS A 6 -15.52 -26.51 -5.69
C LYS A 6 -15.60 -25.45 -4.60
N VAL A 7 -15.32 -25.84 -3.36
CA VAL A 7 -15.31 -24.89 -2.25
C VAL A 7 -13.94 -24.22 -2.21
N TYR A 8 -13.90 -22.93 -2.54
CA TYR A 8 -12.69 -22.13 -2.43
C TYR A 8 -12.51 -21.66 -0.99
N ASP A 9 -11.26 -21.45 -0.58
CA ASP A 9 -10.96 -20.96 0.76
C ASP A 9 -11.47 -19.53 0.92
N ILE A 10 -11.14 -18.68 -0.05
CA ILE A 10 -11.49 -17.26 -0.03
C ILE A 10 -12.18 -16.90 -1.33
N THR A 11 -13.37 -16.33 -1.25
CA THR A 11 -13.97 -15.70 -2.43
C THR A 11 -14.01 -14.19 -2.25
N ILE A 12 -13.43 -13.49 -3.22
CA ILE A 12 -13.32 -12.04 -3.19
C ILE A 12 -14.38 -11.45 -4.10
N ILE A 13 -15.20 -10.55 -3.54
CA ILE A 13 -16.20 -9.84 -4.31
C ILE A 13 -15.67 -8.47 -4.73
N GLY A 14 -15.30 -8.37 -6.00
CA GLY A 14 -14.79 -7.12 -6.57
C GLY A 14 -13.32 -7.18 -6.84
N GLY A 15 -12.94 -6.93 -8.10
CA GLY A 15 -11.55 -6.91 -8.52
C GLY A 15 -10.97 -5.54 -8.81
N GLY A 16 -11.26 -4.57 -7.95
CA GLY A 16 -10.54 -3.31 -7.92
C GLY A 16 -9.18 -3.47 -7.27
N PRO A 17 -8.47 -2.35 -7.03
CA PRO A 17 -7.11 -2.50 -6.48
C PRO A 17 -7.10 -3.28 -5.16
N VAL A 18 -8.08 -3.08 -4.29
CA VAL A 18 -8.07 -3.75 -2.98
C VAL A 18 -8.31 -5.25 -3.10
N GLY A 19 -9.24 -5.65 -3.97
CA GLY A 19 -9.50 -7.07 -4.23
C GLY A 19 -8.29 -7.77 -4.82
N LEU A 20 -7.59 -7.09 -5.71
CA LEU A 20 -6.40 -7.66 -6.34
C LEU A 20 -5.32 -7.92 -5.29
N PHE A 21 -5.09 -6.94 -4.43
CA PHE A 21 -4.08 -7.10 -3.40
C PHE A 21 -4.52 -8.16 -2.38
N THR A 22 -5.82 -8.19 -2.10
CA THR A 22 -6.41 -9.25 -1.26
C THR A 22 -6.12 -10.62 -1.87
N ALA A 23 -6.31 -10.76 -3.18
CA ALA A 23 -6.06 -12.04 -3.86
C ALA A 23 -4.59 -12.45 -3.71
N PHE A 24 -3.69 -11.50 -3.94
CA PHE A 24 -2.27 -11.74 -3.73
C PHE A 24 -2.01 -12.30 -2.32
N TYR A 25 -2.57 -11.64 -1.31
CA TYR A 25 -2.24 -11.99 0.07
C TYR A 25 -2.85 -13.35 0.45
N GLY A 26 -4.00 -13.67 -0.12
CA GLY A 26 -4.60 -15.00 0.02
C GLY A 26 -3.66 -16.07 -0.49
N GLY A 27 -3.03 -15.80 -1.64
CA GLY A 27 -2.00 -16.68 -2.20
C GLY A 27 -0.78 -16.80 -1.29
N MET A 28 -0.34 -15.66 -0.77
CA MET A 28 0.71 -15.63 0.24
C MET A 28 0.41 -16.54 1.43
N ARG A 29 -0.86 -16.61 1.84
CA ARG A 29 -1.26 -17.43 2.97
C ARG A 29 -1.75 -18.82 2.56
N GLN A 30 -1.38 -19.24 1.36
CA GLN A 30 -1.67 -20.58 0.84
C GLN A 30 -3.17 -20.89 0.82
N ALA A 31 -3.97 -19.89 0.49
CA ALA A 31 -5.41 -20.07 0.33
C ALA A 31 -5.79 -20.15 -1.15
N SER A 32 -6.75 -21.00 -1.47
CA SER A 32 -7.32 -20.98 -2.80
C SER A 32 -8.24 -19.75 -2.88
N VAL A 33 -8.23 -19.13 -4.06
CA VAL A 33 -8.79 -17.79 -4.23
C VAL A 33 -9.62 -17.72 -5.49
N LYS A 34 -10.86 -17.23 -5.32
CA LYS A 34 -11.70 -16.85 -6.42
C LYS A 34 -11.96 -15.35 -6.35
N ILE A 35 -11.88 -14.68 -7.49
CA ILE A 35 -12.30 -13.29 -7.62
C ILE A 35 -13.54 -13.26 -8.53
N ILE A 36 -14.59 -12.59 -8.05
CA ILE A 36 -15.79 -12.34 -8.81
C ILE A 36 -15.92 -10.82 -9.05
N GLU A 37 -16.02 -10.45 -10.32
CA GLU A 37 -16.03 -9.05 -10.73
C GLU A 37 -17.14 -8.77 -11.75
N SER A 38 -17.89 -7.69 -11.49
CA SER A 38 -19.04 -7.27 -12.29
C SER A 38 -18.69 -6.91 -13.72
N LEU A 39 -17.57 -6.22 -13.92
CA LEU A 39 -17.15 -5.76 -15.25
C LEU A 39 -16.39 -6.85 -16.03
N PRO A 40 -16.21 -6.67 -17.35
CA PRO A 40 -15.40 -7.58 -18.15
C PRO A 40 -13.89 -7.45 -17.95
N GLN A 41 -13.47 -6.56 -17.05
CA GLN A 41 -12.07 -6.51 -16.67
C GLN A 41 -11.90 -6.08 -15.21
N LEU A 42 -10.67 -6.29 -14.72
CA LEU A 42 -10.27 -5.94 -13.37
C LEU A 42 -9.78 -4.49 -13.33
N GLY A 43 -9.72 -3.94 -12.12
CA GLY A 43 -9.11 -2.61 -11.90
C GLY A 43 -9.99 -1.59 -11.20
N GLY A 44 -11.27 -1.92 -11.04
CA GLY A 44 -12.17 -1.08 -10.26
C GLY A 44 -12.24 0.34 -10.76
N GLN A 45 -12.32 1.28 -9.82
CA GLN A 45 -12.43 2.70 -10.18
C GLN A 45 -11.22 3.22 -10.96
N LEU A 46 -10.05 2.64 -10.70
CA LEU A 46 -8.83 3.08 -11.38
C LEU A 46 -8.90 2.84 -12.89
N SER A 47 -9.21 1.61 -13.26
CA SER A 47 -9.32 1.21 -14.67
C SER A 47 -10.56 1.80 -15.33
N ALA A 48 -11.65 1.89 -14.58
CA ALA A 48 -12.92 2.40 -15.10
C ALA A 48 -13.00 3.92 -15.24
N LEU A 49 -12.41 4.65 -14.30
CA LEU A 49 -12.65 6.09 -14.23
C LEU A 49 -11.45 6.99 -14.51
N TYR A 50 -10.23 6.57 -14.15
CA TYR A 50 -9.06 7.43 -14.35
C TYR A 50 -7.75 6.70 -14.66
N PRO A 51 -7.79 5.74 -15.60
CA PRO A 51 -6.63 4.86 -15.84
C PRO A 51 -5.36 5.61 -16.25
N GLU A 52 -5.52 6.80 -16.84
CA GLU A 52 -4.38 7.59 -17.33
C GLU A 52 -3.87 8.61 -16.31
N LYS A 53 -4.64 8.87 -15.24
CA LYS A 53 -4.23 9.90 -14.27
C LYS A 53 -3.15 9.36 -13.33
N TYR A 54 -2.29 10.26 -12.86
CA TYR A 54 -1.24 9.89 -11.90
C TYR A 54 -1.74 9.91 -10.46
N ILE A 55 -1.35 8.92 -9.69
CA ILE A 55 -1.63 8.84 -8.27
C ILE A 55 -0.34 9.13 -7.51
N TYR A 56 -0.42 10.02 -6.51
CA TYR A 56 0.75 10.45 -5.75
C TYR A 56 0.78 10.00 -4.30
N ASP A 57 -0.29 9.39 -3.81
CA ASP A 57 -0.42 9.06 -2.38
C ASP A 57 -0.54 7.56 -2.06
N VAL A 58 0.02 6.72 -2.93
CA VAL A 58 0.16 5.32 -2.63
C VAL A 58 1.61 5.17 -2.15
N ALA A 59 1.77 4.54 -1.00
CA ALA A 59 3.07 4.45 -0.33
C ALA A 59 4.12 3.80 -1.20
N GLY A 60 5.26 4.49 -1.35
CA GLY A 60 6.39 4.00 -2.15
C GLY A 60 6.42 4.47 -3.59
N PHE A 61 5.33 5.09 -4.04
CA PHE A 61 5.26 5.57 -5.42
C PHE A 61 5.21 7.10 -5.48
N PRO A 62 6.35 7.76 -5.76
CA PRO A 62 6.31 9.21 -5.95
C PRO A 62 5.27 9.68 -6.99
N LYS A 63 5.11 8.92 -8.07
CA LYS A 63 3.94 9.08 -8.94
C LYS A 63 3.75 7.79 -9.73
N ILE A 64 2.49 7.41 -9.93
CA ILE A 64 2.21 6.23 -10.70
C ILE A 64 0.85 6.37 -11.35
N ARG A 65 0.81 6.09 -12.64
CA ARG A 65 -0.43 6.09 -13.40
C ARG A 65 -1.36 5.01 -12.86
N ALA A 66 -2.65 5.33 -12.75
CA ALA A 66 -3.64 4.42 -12.18
C ALA A 66 -3.59 3.03 -12.81
N GLN A 67 -3.62 2.96 -14.15
CA GLN A 67 -3.62 1.65 -14.81
C GLN A 67 -2.30 0.89 -14.60
N GLU A 68 -1.21 1.64 -14.49
CA GLU A 68 0.09 1.08 -14.18
C GLU A 68 0.07 0.40 -12.80
N LEU A 69 -0.57 1.04 -11.82
CA LEU A 69 -0.71 0.45 -10.49
C LEU A 69 -1.52 -0.85 -10.56
N ILE A 70 -2.62 -0.82 -11.28
CA ILE A 70 -3.41 -2.03 -11.51
C ILE A 70 -2.57 -3.14 -12.19
N ASN A 71 -1.85 -2.78 -13.25
CA ASN A 71 -0.95 -3.74 -13.90
C ASN A 71 0.10 -4.32 -12.95
N ASN A 72 0.69 -3.50 -12.08
CA ASN A 72 1.60 -4.00 -11.03
C ASN A 72 0.94 -4.99 -10.10
N LEU A 73 -0.29 -4.69 -9.67
CA LEU A 73 -1.06 -5.59 -8.79
C LEU A 73 -1.36 -6.93 -9.44
N LYS A 74 -1.68 -6.91 -10.73
CA LYS A 74 -1.91 -8.16 -11.46
C LYS A 74 -0.62 -8.97 -11.54
N GLU A 75 0.49 -8.31 -11.80
CA GLU A 75 1.78 -8.97 -11.84
C GLU A 75 2.14 -9.57 -10.48
N GLN A 76 1.91 -8.81 -9.41
CA GLN A 76 2.12 -9.30 -8.07
C GLN A 76 1.29 -10.56 -7.79
N MET A 77 0.01 -10.54 -8.14
CA MET A 77 -0.86 -11.66 -7.79
C MET A 77 -0.65 -12.89 -8.69
N ALA A 78 -0.03 -12.68 -9.86
CA ALA A 78 0.26 -13.73 -10.83
C ALA A 78 1.19 -14.82 -10.31
N LYS A 79 1.94 -14.54 -9.24
CA LYS A 79 2.77 -15.54 -8.59
C LYS A 79 1.95 -16.72 -8.08
N PHE A 80 0.67 -16.45 -7.79
CA PHE A 80 -0.22 -17.46 -7.26
C PHE A 80 -1.38 -17.72 -8.21
N ASP A 81 -2.16 -18.75 -7.90
CA ASP A 81 -3.29 -19.10 -8.74
C ASP A 81 -4.61 -18.59 -8.18
N GLN A 82 -5.41 -18.00 -9.06
CA GLN A 82 -6.78 -17.63 -8.75
C GLN A 82 -7.69 -18.13 -9.86
N THR A 83 -8.96 -18.30 -9.54
CA THR A 83 -10.00 -18.44 -10.54
C THR A 83 -10.73 -17.10 -10.58
N ILE A 84 -10.72 -16.48 -11.75
CA ILE A 84 -11.28 -15.12 -11.92
C ILE A 84 -12.56 -15.22 -12.73
N CYS A 85 -13.66 -14.71 -12.17
CA CYS A 85 -14.97 -14.72 -12.80
C CYS A 85 -15.40 -13.29 -13.10
N LEU A 86 -15.20 -12.89 -14.35
CA LEU A 86 -15.57 -11.56 -14.85
C LEU A 86 -17.00 -11.55 -15.36
N GLU A 87 -17.55 -10.35 -15.55
CA GLU A 87 -18.96 -10.16 -15.91
C GLU A 87 -19.92 -10.93 -14.99
N GLN A 88 -19.59 -10.96 -13.71
CA GLN A 88 -20.47 -11.54 -12.72
C GLN A 88 -20.65 -10.58 -11.53
N ALA A 89 -21.90 -10.21 -11.28
CA ALA A 89 -22.30 -9.40 -10.15
C ALA A 89 -22.94 -10.29 -9.08
N VAL A 90 -22.30 -10.34 -7.92
CA VAL A 90 -22.82 -11.13 -6.80
C VAL A 90 -24.09 -10.45 -6.31
N GLU A 91 -25.19 -11.20 -6.32
CA GLU A 91 -26.47 -10.66 -5.87
C GLU A 91 -26.96 -11.30 -4.58
N SER A 92 -26.41 -12.46 -4.24
CA SER A 92 -26.79 -13.18 -3.03
C SER A 92 -25.56 -13.81 -2.35
N VAL A 93 -25.45 -13.63 -1.04
CA VAL A 93 -24.47 -14.33 -0.20
C VAL A 93 -25.17 -14.90 1.05
N GLU A 94 -25.05 -16.20 1.26
CA GLU A 94 -25.66 -16.85 2.43
C GLU A 94 -24.70 -17.85 3.06
N LYS A 95 -24.45 -17.68 4.36
CA LYS A 95 -23.69 -18.67 5.12
C LYS A 95 -24.63 -19.82 5.43
N GLN A 96 -24.30 -21.00 4.90
CA GLN A 96 -25.16 -22.18 5.01
C GLN A 96 -25.04 -22.83 6.39
N ALA A 97 -25.91 -23.80 6.66
CA ALA A 97 -25.96 -24.47 7.97
C ALA A 97 -24.66 -25.19 8.30
N ASP A 98 -23.97 -25.66 7.26
CA ASP A 98 -22.65 -26.27 7.40
C ASP A 98 -21.49 -25.26 7.44
N GLY A 99 -21.79 -23.97 7.56
CA GLY A 99 -20.79 -22.92 7.65
C GLY A 99 -20.25 -22.41 6.31
N VAL A 100 -20.50 -23.14 5.23
CA VAL A 100 -20.00 -22.78 3.92
C VAL A 100 -20.85 -21.67 3.27
N PHE A 101 -20.17 -20.66 2.73
CA PHE A 101 -20.88 -19.55 2.09
C PHE A 101 -21.29 -19.96 0.68
N LYS A 102 -22.51 -19.60 0.31
CA LYS A 102 -23.00 -19.79 -1.05
C LYS A 102 -23.20 -18.41 -1.64
N LEU A 103 -22.62 -18.18 -2.82
CA LEU A 103 -22.72 -16.89 -3.50
C LEU A 103 -23.38 -17.11 -4.85
N VAL A 104 -24.40 -16.32 -5.14
CA VAL A 104 -25.08 -16.42 -6.43
C VAL A 104 -24.91 -15.11 -7.19
N THR A 105 -24.56 -15.23 -8.47
CA THR A 105 -24.45 -14.09 -9.35
C THR A 105 -25.56 -14.13 -10.39
N ASN A 106 -25.48 -13.25 -11.38
CA ASN A 106 -26.34 -13.31 -12.56
C ASN A 106 -26.10 -14.55 -13.43
N GLU A 107 -24.96 -15.22 -13.25
CA GLU A 107 -24.57 -16.33 -14.13
C GLU A 107 -24.30 -17.65 -13.42
N GLU A 108 -23.87 -17.62 -12.16
CA GLU A 108 -23.22 -18.78 -11.56
C GLU A 108 -23.29 -18.75 -10.05
N THR A 109 -23.36 -19.95 -9.47
CA THR A 109 -23.40 -20.15 -8.03
C THR A 109 -22.03 -20.67 -7.57
N HIS A 110 -21.52 -20.09 -6.49
CA HIS A 110 -20.15 -20.34 -5.98
C HIS A 110 -20.17 -20.70 -4.50
N TYR A 111 -19.15 -21.41 -4.04
CA TYR A 111 -19.00 -21.82 -2.64
C TYR A 111 -17.62 -21.46 -2.08
N SER A 112 -17.59 -21.11 -0.81
CA SER A 112 -16.38 -20.59 -0.17
C SER A 112 -16.44 -20.75 1.35
N LYS A 113 -15.28 -20.98 1.96
CA LYS A 113 -15.17 -21.02 3.43
C LYS A 113 -15.25 -19.61 4.01
N THR A 114 -14.69 -18.64 3.28
CA THR A 114 -14.73 -17.24 3.67
C THR A 114 -15.06 -16.38 2.48
N VAL A 115 -15.58 -15.19 2.76
CA VAL A 115 -15.85 -14.21 1.73
C VAL A 115 -15.17 -12.93 2.18
N ILE A 116 -14.45 -12.27 1.27
CA ILE A 116 -13.92 -10.94 1.54
C ILE A 116 -14.45 -10.01 0.47
N ILE A 117 -15.27 -9.07 0.89
CA ILE A 117 -15.90 -8.15 -0.04
C ILE A 117 -15.08 -6.89 -0.17
N THR A 118 -14.72 -6.60 -1.42
CA THR A 118 -13.87 -5.49 -1.79
C THR A 118 -14.57 -4.73 -2.92
N ALA A 119 -15.82 -4.37 -2.64
CA ALA A 119 -16.78 -3.88 -3.64
C ALA A 119 -16.74 -2.38 -3.95
N GLY A 120 -15.96 -1.60 -3.22
CA GLY A 120 -15.90 -0.16 -3.44
C GLY A 120 -17.23 0.51 -3.14
N ASN A 121 -17.84 1.13 -4.16
CA ASN A 121 -19.17 1.74 -4.09
C ASN A 121 -20.25 0.79 -4.62
N GLY A 122 -19.86 -0.45 -4.89
CA GLY A 122 -20.76 -1.51 -5.39
C GLY A 122 -20.47 -1.83 -6.84
N ALA A 123 -21.28 -2.70 -7.43
CA ALA A 123 -20.98 -3.28 -8.75
C ALA A 123 -21.07 -2.25 -9.87
N PHE A 124 -20.01 -2.13 -10.67
CA PHE A 124 -20.08 -1.35 -11.89
C PHE A 124 -20.93 -2.12 -12.90
N LYS A 125 -21.91 -1.43 -13.47
CA LYS A 125 -22.79 -2.03 -14.46
C LYS A 125 -23.02 -1.02 -15.57
N PRO A 126 -23.15 -1.52 -16.82
CA PRO A 126 -23.47 -0.59 -17.90
C PRO A 126 -24.85 0.03 -17.72
N ARG A 127 -24.98 1.28 -18.14
CA ARG A 127 -26.29 1.93 -18.16
C ARG A 127 -27.16 1.27 -19.20
N LYS A 128 -28.35 0.88 -18.77
CA LYS A 128 -29.29 0.19 -19.63
C LYS A 128 -30.17 1.18 -20.41
N LEU A 129 -30.63 0.72 -21.57
CA LEU A 129 -31.50 1.49 -22.41
C LEU A 129 -32.85 1.58 -21.70
N GLU A 130 -33.35 2.80 -21.56
CA GLU A 130 -34.57 3.06 -20.82
C GLU A 130 -35.73 3.08 -21.80
N LEU A 131 -35.99 1.93 -22.40
CA LEU A 131 -37.12 1.71 -23.29
C LEU A 131 -37.84 0.47 -22.76
N GLU A 132 -39.16 0.54 -22.64
CA GLU A 132 -39.96 -0.49 -21.99
C GLU A 132 -39.54 -1.94 -22.26
N ASN A 133 -39.35 -2.31 -23.52
CA ASN A 133 -39.10 -3.72 -23.84
C ASN A 133 -37.67 -4.03 -24.31
N ALA A 134 -36.72 -3.22 -23.85
CA ALA A 134 -35.31 -3.39 -24.24
C ALA A 134 -34.75 -4.71 -23.68
N GLU A 135 -35.12 -5.04 -22.46
CA GLU A 135 -34.64 -6.27 -21.79
C GLU A 135 -34.95 -7.54 -22.58
N GLN A 136 -36.14 -7.59 -23.17
CA GLN A 136 -36.55 -8.69 -24.05
C GLN A 136 -35.47 -9.09 -25.07
N TYR A 137 -34.68 -8.11 -25.50
CA TYR A 137 -33.65 -8.33 -26.53
C TYR A 137 -32.26 -8.66 -25.98
N GLU A 138 -32.10 -8.59 -24.66
CA GLU A 138 -30.84 -8.97 -24.06
C GLU A 138 -30.63 -10.47 -24.25
N GLY A 139 -29.44 -10.84 -24.71
CA GLY A 139 -29.13 -12.22 -25.06
C GLY A 139 -29.40 -12.52 -26.53
N LYS A 140 -30.04 -11.58 -27.23
CA LYS A 140 -30.31 -11.73 -28.66
C LYS A 140 -29.37 -10.80 -29.42
N ASN A 141 -29.89 -9.70 -29.98
CA ASN A 141 -29.06 -8.78 -30.75
C ASN A 141 -28.98 -7.36 -30.15
N LEU A 142 -29.26 -7.26 -28.85
CA LEU A 142 -28.99 -6.07 -28.06
C LEU A 142 -27.74 -6.33 -27.22
N HIS A 143 -26.69 -5.54 -27.46
CA HIS A 143 -25.39 -5.74 -26.83
C HIS A 143 -25.02 -4.55 -25.96
N TYR A 144 -24.58 -4.80 -24.73
CA TYR A 144 -24.01 -3.75 -23.87
C TYR A 144 -22.49 -3.80 -23.83
N PHE A 145 -21.93 -5.01 -23.79
CA PHE A 145 -20.48 -5.20 -23.89
C PHE A 145 -20.16 -5.88 -25.21
N VAL A 146 -19.10 -5.40 -25.87
CA VAL A 146 -18.66 -5.96 -27.14
C VAL A 146 -17.25 -6.52 -27.00
N ASP A 147 -17.01 -7.73 -27.47
CA ASP A 147 -15.66 -8.31 -27.50
C ASP A 147 -15.25 -8.80 -28.89
N ASP A 148 -16.05 -9.68 -29.48
CA ASP A 148 -15.76 -10.27 -30.80
C ASP A 148 -16.33 -9.39 -31.90
N LEU A 149 -15.46 -8.73 -32.67
CA LEU A 149 -15.91 -7.89 -33.78
C LEU A 149 -16.49 -8.70 -34.95
N GLN A 150 -15.99 -9.92 -35.15
CA GLN A 150 -16.37 -10.73 -36.31
C GLN A 150 -17.81 -11.23 -36.31
N LYS A 151 -18.48 -11.22 -35.15
CA LYS A 151 -19.91 -11.60 -35.12
C LYS A 151 -20.78 -10.56 -35.85
N PHE A 152 -20.23 -9.35 -36.02
CA PHE A 152 -20.91 -8.28 -36.75
C PHE A 152 -20.46 -8.19 -38.21
N ALA A 153 -19.67 -9.17 -38.67
CA ALA A 153 -19.18 -9.19 -40.03
C ALA A 153 -20.34 -9.18 -41.01
N GLY A 154 -20.36 -8.18 -41.90
CA GLY A 154 -21.39 -8.09 -42.93
C GLY A 154 -22.78 -7.76 -42.43
N ARG A 155 -22.85 -7.15 -41.24
CA ARG A 155 -24.14 -6.84 -40.62
C ARG A 155 -24.38 -5.35 -40.44
N ARG A 156 -25.66 -4.99 -40.35
CA ARG A 156 -26.10 -3.62 -40.15
C ARG A 156 -26.14 -3.34 -38.65
N VAL A 157 -25.23 -2.49 -38.18
CA VAL A 157 -25.03 -2.23 -36.76
C VAL A 157 -25.35 -0.76 -36.42
N ALA A 158 -26.13 -0.57 -35.37
CA ALA A 158 -26.36 0.75 -34.78
C ALA A 158 -25.72 0.77 -33.40
N ILE A 159 -25.05 1.88 -33.10
CA ILE A 159 -24.40 2.06 -31.80
C ILE A 159 -24.99 3.31 -31.17
N LEU A 160 -25.43 3.18 -29.92
CA LEU A 160 -25.98 4.30 -29.16
C LEU A 160 -24.94 4.86 -28.19
N GLY A 161 -24.80 6.18 -28.18
CA GLY A 161 -23.92 6.85 -27.22
C GLY A 161 -22.91 7.76 -27.88
N GLY A 162 -22.27 8.61 -27.08
CA GLY A 162 -21.33 9.59 -27.61
C GLY A 162 -19.96 9.64 -26.95
N GLY A 163 -19.63 8.62 -26.16
CA GLY A 163 -18.36 8.56 -25.47
C GLY A 163 -17.31 7.80 -26.26
N ASP A 164 -16.13 7.61 -25.64
CA ASP A 164 -15.03 6.93 -26.32
C ASP A 164 -15.38 5.50 -26.69
N SER A 165 -16.18 4.84 -25.86
CA SER A 165 -16.60 3.47 -26.13
C SER A 165 -17.39 3.39 -27.44
N ALA A 166 -18.44 4.19 -27.54
CA ALA A 166 -19.31 4.18 -28.71
C ALA A 166 -18.55 4.59 -29.98
N VAL A 167 -17.72 5.62 -29.87
CA VAL A 167 -16.94 6.09 -31.02
C VAL A 167 -15.88 5.06 -31.45
N ASP A 168 -15.14 4.52 -30.49
CA ASP A 168 -14.09 3.52 -30.79
C ASP A 168 -14.66 2.31 -31.51
N TRP A 169 -15.77 1.78 -31.01
CA TRP A 169 -16.39 0.61 -31.63
C TRP A 169 -16.92 0.91 -33.03
N ALA A 170 -17.45 2.13 -33.23
CA ALA A 170 -17.97 2.53 -34.53
C ALA A 170 -16.85 2.53 -35.58
N LEU A 171 -15.67 2.99 -35.19
CA LEU A 171 -14.50 3.03 -36.08
C LEU A 171 -13.93 1.63 -36.36
N MET A 172 -13.93 0.76 -35.37
CA MET A 172 -13.45 -0.62 -35.55
C MET A 172 -14.42 -1.47 -36.38
N LEU A 173 -15.71 -1.16 -36.29
CA LEU A 173 -16.74 -1.92 -37.00
C LEU A 173 -16.90 -1.46 -38.46
N GLU A 174 -16.49 -0.23 -38.77
CA GLU A 174 -16.70 0.32 -40.10
C GLU A 174 -16.13 -0.57 -41.22
N PRO A 175 -14.89 -1.06 -41.07
CA PRO A 175 -14.36 -1.97 -42.09
C PRO A 175 -14.88 -3.42 -42.01
N ILE A 176 -15.63 -3.76 -40.95
CA ILE A 176 -16.14 -5.12 -40.73
C ILE A 176 -17.63 -5.28 -41.05
N ALA A 177 -18.45 -4.35 -40.56
CA ALA A 177 -19.91 -4.44 -40.73
C ALA A 177 -20.32 -3.99 -42.13
N LYS A 178 -21.51 -4.39 -42.56
CA LYS A 178 -22.08 -3.89 -43.82
C LYS A 178 -22.31 -2.39 -43.75
N GLU A 179 -22.93 -1.95 -42.65
CA GLU A 179 -23.06 -0.53 -42.36
C GLU A 179 -23.09 -0.29 -40.87
N VAL A 180 -22.59 0.88 -40.46
CA VAL A 180 -22.54 1.29 -39.07
C VAL A 180 -23.15 2.67 -38.95
N SER A 181 -24.04 2.83 -37.97
CA SER A 181 -24.57 4.13 -37.58
C SER A 181 -24.24 4.37 -36.11
N ILE A 182 -23.91 5.60 -35.77
CA ILE A 182 -23.74 6.01 -34.38
C ILE A 182 -24.77 7.09 -34.08
N ILE A 183 -25.51 6.88 -32.98
CA ILE A 183 -26.60 7.76 -32.60
C ILE A 183 -26.28 8.42 -31.26
N HIS A 184 -26.20 9.75 -31.25
CA HIS A 184 -25.86 10.50 -30.03
C HIS A 184 -26.74 11.73 -29.87
N ARG A 185 -27.07 12.05 -28.61
CA ARG A 185 -28.06 13.09 -28.27
C ARG A 185 -27.58 14.56 -28.30
N ARG A 186 -26.33 14.76 -28.66
CA ARG A 186 -25.79 16.09 -28.89
C ARG A 186 -24.97 16.04 -30.16
N ASP A 187 -24.82 17.19 -30.81
CA ASP A 187 -23.90 17.30 -31.95
C ASP A 187 -22.45 17.18 -31.50
N LYS A 188 -22.15 17.64 -30.28
CA LYS A 188 -20.83 17.47 -29.69
C LYS A 188 -20.73 16.11 -29.02
N PHE A 189 -19.69 15.36 -29.39
CA PHE A 189 -19.39 14.08 -28.77
C PHE A 189 -18.56 14.26 -27.51
N ARG A 190 -18.64 13.27 -26.64
CA ARG A 190 -17.89 13.26 -25.38
C ARG A 190 -16.52 12.58 -25.58
N ALA A 191 -16.38 11.81 -26.67
CA ALA A 191 -15.14 11.08 -26.95
C ALA A 191 -13.99 12.02 -27.27
N HIS A 192 -12.78 11.46 -27.35
CA HIS A 192 -11.57 12.25 -27.63
C HIS A 192 -11.73 12.93 -28.98
N GLU A 193 -11.37 14.20 -29.06
CA GLU A 193 -11.62 15.00 -30.26
C GLU A 193 -11.01 14.39 -31.53
N HIS A 194 -9.84 13.78 -31.41
CA HIS A 194 -9.19 13.13 -32.55
C HIS A 194 -10.00 11.93 -33.06
N SER A 195 -10.55 11.14 -32.14
CA SER A 195 -11.42 10.01 -32.50
C SER A 195 -12.71 10.51 -33.16
N VAL A 196 -13.24 11.62 -32.66
CA VAL A 196 -14.43 12.25 -33.23
C VAL A 196 -14.16 12.81 -34.64
N GLU A 197 -12.96 13.34 -34.86
CA GLU A 197 -12.56 13.78 -36.19
C GLU A 197 -12.54 12.61 -37.17
N ASN A 198 -11.87 11.53 -36.78
CA ASN A 198 -11.85 10.31 -37.58
C ASN A 198 -13.26 9.81 -37.88
N LEU A 199 -14.12 9.81 -36.85
CA LEU A 199 -15.53 9.41 -37.01
C LEU A 199 -16.23 10.18 -38.13
N HIS A 200 -16.18 11.50 -38.05
CA HIS A 200 -16.78 12.35 -39.08
C HIS A 200 -16.12 12.13 -40.45
N ALA A 201 -14.80 11.91 -40.42
CA ALA A 201 -14.04 11.61 -41.62
C ALA A 201 -14.41 10.26 -42.24
N SER A 202 -14.89 9.32 -41.41
CA SER A 202 -15.21 7.96 -41.86
C SER A 202 -16.56 7.85 -42.56
N LYS A 203 -16.84 6.65 -43.06
CA LYS A 203 -18.11 6.36 -43.72
C LYS A 203 -19.20 5.95 -42.73
N VAL A 204 -18.92 6.03 -41.42
CA VAL A 204 -19.95 5.81 -40.40
C VAL A 204 -21.08 6.82 -40.54
N ASN A 205 -22.32 6.33 -40.52
CA ASN A 205 -23.50 7.18 -40.55
C ASN A 205 -23.68 7.80 -39.16
N VAL A 206 -23.46 9.11 -39.04
CA VAL A 206 -23.60 9.81 -37.76
C VAL A 206 -24.97 10.47 -37.64
N LEU A 207 -25.74 10.07 -36.63
CA LEU A 207 -27.07 10.64 -36.40
C LEU A 207 -27.08 11.41 -35.08
N THR A 208 -26.92 12.72 -35.19
CA THR A 208 -27.01 13.66 -34.07
C THR A 208 -27.89 14.86 -34.45
N PRO A 209 -28.58 15.50 -33.49
CA PRO A 209 -28.79 15.05 -32.11
C PRO A 209 -30.09 14.26 -32.05
N PHE A 210 -29.96 12.95 -31.79
CA PHE A 210 -31.09 12.03 -31.76
C PHE A 210 -31.07 11.21 -30.50
N VAL A 211 -32.25 10.73 -30.12
CA VAL A 211 -32.37 9.76 -29.05
C VAL A 211 -33.15 8.54 -29.56
N PRO A 212 -32.91 7.36 -28.97
CA PRO A 212 -33.73 6.21 -29.32
C PRO A 212 -35.16 6.42 -28.82
N ALA A 213 -36.13 6.21 -29.71
CA ALA A 213 -37.54 6.34 -29.37
C ALA A 213 -38.25 4.97 -29.25
N GLU A 214 -37.88 4.01 -30.09
CA GLU A 214 -38.56 2.71 -30.11
C GLU A 214 -37.70 1.61 -30.67
N LEU A 215 -37.84 0.41 -30.09
CA LEU A 215 -37.26 -0.81 -30.64
C LEU A 215 -38.37 -1.67 -31.20
N ILE A 216 -38.19 -2.15 -32.42
CA ILE A 216 -39.22 -2.95 -33.10
C ILE A 216 -38.65 -4.31 -33.51
N GLY A 217 -39.39 -5.35 -33.22
CA GLY A 217 -38.98 -6.71 -33.53
C GLY A 217 -39.62 -7.71 -32.58
N GLU A 218 -40.42 -8.63 -33.13
CA GLU A 218 -41.15 -9.61 -32.32
C GLU A 218 -40.21 -10.47 -31.48
N ASP A 219 -39.08 -10.84 -32.07
CA ASP A 219 -38.11 -11.73 -31.46
C ASP A 219 -36.77 -10.99 -31.33
N LYS A 220 -36.15 -10.77 -32.48
CA LYS A 220 -34.88 -10.09 -32.61
C LYS A 220 -35.21 -8.64 -32.97
N ILE A 221 -34.38 -7.68 -32.55
CA ILE A 221 -34.58 -6.29 -32.96
C ILE A 221 -34.37 -6.21 -34.47
N GLU A 222 -35.36 -5.64 -35.17
CA GLU A 222 -35.32 -5.45 -36.62
C GLU A 222 -35.25 -3.96 -37.03
N GLN A 223 -35.90 -3.10 -36.26
CA GLN A 223 -35.89 -1.66 -36.53
C GLN A 223 -35.65 -0.85 -35.28
N LEU A 224 -34.93 0.25 -35.46
CA LEU A 224 -34.66 1.22 -34.40
C LEU A 224 -35.24 2.54 -34.86
N VAL A 225 -36.14 3.08 -34.05
CA VAL A 225 -36.74 4.39 -34.32
C VAL A 225 -36.02 5.43 -33.48
N LEU A 226 -35.57 6.50 -34.14
CA LEU A 226 -34.91 7.62 -33.49
C LEU A 226 -35.79 8.84 -33.54
N GLU A 227 -35.63 9.71 -32.55
CA GLU A 227 -36.32 10.98 -32.52
C GLU A 227 -35.29 12.07 -32.33
N GLU A 228 -35.44 13.17 -33.06
CA GLU A 228 -34.49 14.27 -32.92
C GLU A 228 -34.72 14.92 -31.55
N VAL A 229 -33.63 15.38 -30.95
CA VAL A 229 -33.67 15.95 -29.62
C VAL A 229 -34.45 17.27 -29.63
N LYS A 230 -34.15 18.12 -30.60
CA LYS A 230 -34.86 19.37 -30.75
C LYS A 230 -35.90 19.20 -31.85
N GLY A 231 -37.15 19.06 -31.46
CA GLY A 231 -38.25 18.89 -32.40
C GLY A 231 -38.83 17.49 -32.32
N ASP A 232 -39.64 17.14 -33.31
CA ASP A 232 -40.44 15.91 -33.29
C ASP A 232 -40.05 14.90 -34.38
N ARG A 233 -39.14 15.27 -35.28
CA ARG A 233 -38.81 14.42 -36.43
C ARG A 233 -38.33 13.05 -35.98
N LYS A 234 -38.76 12.01 -36.68
CA LYS A 234 -38.27 10.67 -36.43
C LYS A 234 -37.54 10.09 -37.66
N GLU A 235 -36.75 9.05 -37.39
CA GLU A 235 -36.04 8.31 -38.43
C GLU A 235 -36.10 6.84 -38.02
N ILE A 236 -36.16 5.94 -39.00
CA ILE A 236 -36.14 4.50 -38.71
C ILE A 236 -34.94 3.88 -39.39
N LEU A 237 -34.22 3.05 -38.64
CA LEU A 237 -33.06 2.33 -39.14
C LEU A 237 -33.36 0.84 -39.15
N GLU A 238 -33.00 0.18 -40.26
CA GLU A 238 -33.09 -1.28 -40.36
C GLU A 238 -31.75 -1.83 -39.90
N ILE A 239 -31.77 -2.64 -38.84
CA ILE A 239 -30.54 -3.11 -38.21
C ILE A 239 -30.55 -4.61 -37.92
N ASP A 240 -29.35 -5.17 -37.80
CA ASP A 240 -29.14 -6.56 -37.38
C ASP A 240 -28.69 -6.66 -35.93
N ASP A 241 -28.04 -5.59 -35.44
CA ASP A 241 -27.53 -5.56 -34.07
C ASP A 241 -27.57 -4.14 -33.52
N LEU A 242 -27.86 -4.05 -32.22
CA LEU A 242 -27.84 -2.79 -31.50
C LEU A 242 -26.83 -2.86 -30.33
N ILE A 243 -25.89 -1.93 -30.33
CA ILE A 243 -24.87 -1.83 -29.28
C ILE A 243 -25.18 -0.55 -28.52
N VAL A 244 -25.26 -0.64 -27.19
CA VAL A 244 -25.57 0.50 -26.33
C VAL A 244 -24.41 0.78 -25.40
N ASN A 245 -23.75 1.93 -25.61
CA ASN A 245 -22.61 2.33 -24.81
C ASN A 245 -22.93 3.64 -24.10
N TYR A 246 -23.77 3.54 -23.07
CA TYR A 246 -24.24 4.68 -22.29
C TYR A 246 -23.46 4.86 -20.98
N GLY A 247 -22.28 4.26 -20.89
CA GLY A 247 -21.47 4.40 -19.69
C GLY A 247 -21.92 3.49 -18.56
N PHE A 248 -21.55 3.87 -17.35
CA PHE A 248 -21.61 2.95 -16.21
C PHE A 248 -22.11 3.63 -14.97
N VAL A 249 -22.70 2.84 -14.07
CA VAL A 249 -23.15 3.31 -12.78
C VAL A 249 -22.77 2.26 -11.75
N SER A 250 -22.58 2.71 -10.52
CA SER A 250 -22.35 1.79 -9.43
C SER A 250 -23.28 2.08 -8.26
N SER A 251 -23.69 1.02 -7.59
CA SER A 251 -24.49 1.15 -6.39
C SER A 251 -24.32 -0.12 -5.57
N LEU A 252 -24.59 -0.01 -4.27
CA LEU A 252 -24.53 -1.18 -3.41
C LEU A 252 -25.51 -2.25 -3.89
N GLY A 253 -26.75 -1.82 -4.16
CA GLY A 253 -27.82 -2.69 -4.58
C GLY A 253 -28.00 -3.86 -3.62
N PRO A 254 -27.88 -5.09 -4.13
CA PRO A 254 -28.14 -6.30 -3.33
C PRO A 254 -27.16 -6.55 -2.17
N ILE A 255 -26.03 -5.85 -2.16
CA ILE A 255 -25.11 -5.92 -1.02
C ILE A 255 -25.86 -5.58 0.28
N LYS A 256 -26.96 -4.80 0.18
CA LYS A 256 -27.76 -4.44 1.34
C LYS A 256 -28.77 -5.53 1.74
N ASN A 257 -28.80 -6.65 1.02
CA ASN A 257 -29.77 -7.72 1.24
C ASN A 257 -29.21 -9.00 1.86
N TRP A 258 -28.01 -8.93 2.46
CA TRP A 258 -27.27 -10.10 2.91
C TRP A 258 -27.15 -10.21 4.43
N GLY A 259 -27.83 -9.33 5.16
CA GLY A 259 -27.83 -9.35 6.62
C GLY A 259 -26.61 -8.70 7.24
N LEU A 260 -25.86 -7.93 6.44
CA LEU A 260 -24.71 -7.18 6.92
C LEU A 260 -25.14 -5.90 7.60
N ASP A 261 -24.37 -5.48 8.62
CA ASP A 261 -24.55 -4.17 9.21
C ASP A 261 -23.96 -3.11 8.30
N ILE A 262 -24.82 -2.18 7.90
CA ILE A 262 -24.46 -1.14 6.97
C ILE A 262 -24.63 0.24 7.63
N GLU A 263 -23.58 1.05 7.56
CA GLU A 263 -23.61 2.44 7.99
C GLU A 263 -22.90 3.25 6.93
N LYS A 264 -23.36 4.47 6.71
CA LYS A 264 -22.76 5.35 5.71
C LYS A 264 -22.67 4.70 4.32
N ASN A 265 -23.71 3.95 3.98
CA ASN A 265 -23.81 3.20 2.73
C ASN A 265 -22.57 2.32 2.48
N SER A 266 -22.03 1.78 3.57
CA SER A 266 -20.81 0.98 3.57
C SER A 266 -20.97 -0.15 4.59
N ILE A 267 -20.10 -1.15 4.51
CA ILE A 267 -20.18 -2.31 5.38
C ILE A 267 -19.32 -2.09 6.62
N VAL A 268 -19.96 -2.11 7.79
CA VAL A 268 -19.27 -1.96 9.07
C VAL A 268 -18.34 -3.14 9.34
N VAL A 269 -17.14 -2.83 9.80
CA VAL A 269 -16.16 -3.84 10.14
C VAL A 269 -15.53 -3.55 11.49
N LYS A 270 -15.21 -4.63 12.20
CA LYS A 270 -14.33 -4.61 13.36
C LYS A 270 -12.91 -4.36 12.90
N SER A 271 -12.00 -4.20 13.85
CA SER A 271 -10.60 -3.92 13.53
C SER A 271 -9.89 -5.10 12.85
N THR A 272 -10.49 -6.29 12.95
CA THR A 272 -10.04 -7.49 12.24
C THR A 272 -10.54 -7.51 10.79
N MET A 273 -11.30 -6.49 10.39
CA MET A 273 -11.97 -6.40 9.10
C MET A 273 -13.21 -7.31 8.97
N GLU A 274 -13.62 -7.96 10.05
CA GLU A 274 -14.78 -8.86 10.00
C GLU A 274 -16.09 -8.09 10.14
N THR A 275 -17.07 -8.47 9.33
CA THR A 275 -18.42 -7.95 9.41
C THR A 275 -19.10 -8.60 10.61
N ASN A 276 -20.39 -8.33 10.79
CA ASN A 276 -21.22 -8.99 11.81
C ASN A 276 -21.49 -10.47 11.49
N ILE A 277 -21.12 -10.93 10.29
CA ILE A 277 -21.23 -12.33 9.95
C ILE A 277 -19.82 -12.94 9.97
N GLU A 278 -19.59 -13.89 10.88
CA GLU A 278 -18.26 -14.48 11.04
C GLU A 278 -17.85 -15.22 9.77
N GLY A 279 -16.59 -15.01 9.37
CA GLY A 279 -16.06 -15.54 8.11
C GLY A 279 -16.30 -14.63 6.91
N PHE A 280 -17.05 -13.54 7.12
CA PHE A 280 -17.38 -12.57 6.08
C PHE A 280 -16.65 -11.28 6.47
N PHE A 281 -15.64 -10.92 5.67
CA PHE A 281 -14.77 -9.77 5.92
C PHE A 281 -14.95 -8.73 4.80
N ALA A 282 -14.51 -7.51 5.05
CA ALA A 282 -14.56 -6.45 4.04
C ALA A 282 -13.27 -5.64 4.05
N ALA A 283 -12.93 -5.03 2.92
CA ALA A 283 -11.78 -4.14 2.84
C ALA A 283 -11.95 -3.14 1.71
N GLY A 284 -11.29 -1.99 1.86
CA GLY A 284 -11.28 -0.95 0.85
C GLY A 284 -12.46 -0.03 1.03
N ASP A 285 -12.83 0.67 -0.04
CA ASP A 285 -13.87 1.69 0.04
C ASP A 285 -15.21 1.13 0.48
N ILE A 286 -15.47 -0.18 0.32
CA ILE A 286 -16.75 -0.73 0.77
C ILE A 286 -16.88 -0.77 2.29
N CYS A 287 -15.78 -0.75 3.02
CA CYS A 287 -15.85 -0.93 4.46
C CYS A 287 -15.90 0.41 5.18
N THR A 288 -16.39 0.39 6.41
CA THR A 288 -16.41 1.57 7.23
C THR A 288 -16.18 1.24 8.69
N TYR A 289 -15.69 2.25 9.40
CA TYR A 289 -15.46 2.24 10.83
C TYR A 289 -15.18 3.69 11.19
N GLU A 290 -15.17 4.02 12.48
CA GLU A 290 -14.84 5.39 12.89
C GLU A 290 -13.41 5.75 12.46
N GLY A 291 -13.29 6.84 11.71
CA GLY A 291 -12.01 7.28 11.19
C GLY A 291 -11.62 6.72 9.83
N LYS A 292 -12.47 5.90 9.21
CA LYS A 292 -12.17 5.32 7.90
C LYS A 292 -11.94 6.40 6.85
N VAL A 293 -10.84 6.26 6.10
CA VAL A 293 -10.59 7.12 4.97
C VAL A 293 -10.61 6.27 3.70
N ASN A 294 -11.32 6.76 2.69
CA ASN A 294 -11.43 6.11 1.40
C ASN A 294 -10.22 6.44 0.51
N LEU A 295 -9.15 5.69 0.73
CA LEU A 295 -7.93 5.84 -0.01
C LEU A 295 -7.43 4.47 -0.44
N ILE A 296 -6.66 4.44 -1.51
CA ILE A 296 -6.05 3.20 -1.95
C ILE A 296 -5.09 2.66 -0.89
N ALA A 297 -4.28 3.52 -0.26
CA ALA A 297 -3.31 3.09 0.75
C ALA A 297 -3.99 2.45 1.95
N SER A 298 -5.10 3.03 2.36
CA SER A 298 -5.90 2.50 3.46
C SER A 298 -6.43 1.13 3.12
N GLY A 299 -7.04 1.00 1.94
CA GLY A 299 -7.52 -0.29 1.44
C GLY A 299 -6.43 -1.34 1.35
N PHE A 300 -5.25 -0.93 0.88
CA PHE A 300 -4.12 -1.86 0.77
C PHE A 300 -3.68 -2.36 2.16
N GLY A 301 -3.95 -1.58 3.20
CA GLY A 301 -3.65 -2.00 4.57
C GLY A 301 -4.70 -2.97 5.12
N GLU A 302 -5.95 -2.67 4.79
CA GLU A 302 -7.10 -3.46 5.19
C GLU A 302 -7.07 -4.86 4.59
N ALA A 303 -6.57 -4.96 3.35
CA ALA A 303 -6.56 -6.25 2.63
C ALA A 303 -5.82 -7.36 3.39
N PRO A 304 -4.53 -7.15 3.72
CA PRO A 304 -3.85 -8.20 4.49
C PRO A 304 -4.45 -8.45 5.86
N THR A 305 -5.02 -7.43 6.49
CA THR A 305 -5.67 -7.61 7.80
C THR A 305 -6.85 -8.56 7.66
N ALA A 306 -7.66 -8.35 6.62
CA ALA A 306 -8.76 -9.24 6.29
C ALA A 306 -8.29 -10.67 5.97
N VAL A 307 -7.31 -10.82 5.09
CA VAL A 307 -6.85 -12.16 4.66
C VAL A 307 -6.26 -12.92 5.85
N ASN A 308 -5.43 -12.25 6.64
CA ASN A 308 -4.76 -12.93 7.75
C ASN A 308 -5.72 -13.34 8.86
N ASN A 309 -6.67 -12.48 9.16
CA ASN A 309 -7.78 -12.85 10.06
C ASN A 309 -8.72 -13.91 9.46
N ALA A 310 -8.95 -13.87 8.15
CA ALA A 310 -9.69 -14.94 7.47
C ALA A 310 -8.98 -16.28 7.60
N LYS A 311 -7.66 -16.27 7.44
CA LYS A 311 -6.88 -17.48 7.56
C LYS A 311 -7.04 -18.08 8.97
N ALA A 312 -6.93 -17.24 10.00
CA ALA A 312 -7.12 -17.68 11.39
C ALA A 312 -8.53 -18.20 11.66
N TYR A 313 -9.54 -17.58 11.03
CA TYR A 313 -10.91 -18.11 11.11
C TYR A 313 -11.02 -19.53 10.56
N MET A 314 -10.35 -19.79 9.44
CA MET A 314 -10.43 -21.07 8.76
C MET A 314 -9.60 -22.15 9.46
N ASP A 315 -8.48 -21.73 10.04
CA ASP A 315 -7.54 -22.64 10.70
C ASP A 315 -7.16 -22.02 12.05
N PRO A 316 -7.88 -22.40 13.11
CA PRO A 316 -7.64 -21.79 14.43
C PRO A 316 -6.21 -21.95 14.98
N LYS A 317 -5.40 -22.83 14.38
CA LYS A 317 -3.97 -22.90 14.73
C LYS A 317 -3.07 -21.99 13.87
N ALA A 318 -3.62 -21.41 12.80
CA ALA A 318 -2.84 -20.48 11.96
C ALA A 318 -2.68 -19.15 12.68
N ARG A 319 -1.45 -18.63 12.70
CA ARG A 319 -1.17 -17.31 13.29
C ARG A 319 -1.73 -16.23 12.38
N VAL A 320 -2.39 -15.23 12.95
CA VAL A 320 -2.80 -14.05 12.20
C VAL A 320 -1.55 -13.37 11.59
N GLN A 321 -0.47 -13.28 12.37
CA GLN A 321 0.77 -12.66 11.91
C GLN A 321 1.44 -13.52 10.83
N PRO A 322 1.61 -12.98 9.61
CA PRO A 322 2.32 -13.77 8.59
C PRO A 322 3.82 -13.83 8.83
N LEU A 323 4.46 -14.81 8.20
CA LEU A 323 5.91 -14.88 8.15
C LEU A 323 6.43 -13.80 7.20
N HIS A 324 7.72 -13.52 7.30
CA HIS A 324 8.35 -12.47 6.49
C HIS A 324 8.33 -12.88 5.02
N SER A 325 7.86 -11.98 4.15
CA SER A 325 7.88 -12.24 2.71
C SER A 325 9.33 -12.34 2.24
N THR A 326 10.22 -11.59 2.88
CA THR A 326 11.65 -11.60 2.59
C THR A 326 12.25 -13.00 2.69
N SER A 327 11.70 -13.84 3.56
CA SER A 327 12.12 -15.23 3.71
C SER A 327 11.39 -16.21 2.77
N LEU A 328 10.11 -15.95 2.50
CA LEU A 328 9.24 -16.94 1.84
C LEU A 328 9.54 -17.18 0.35
N PHE A 329 9.90 -16.13 -0.39
CA PHE A 329 10.19 -16.29 -1.83
C PHE A 329 11.64 -16.78 -2.01
N MET B 1 20.58 21.28 26.45
CA MET B 1 19.15 21.25 26.03
C MET B 1 18.82 22.54 25.30
N ARG B 2 18.20 22.41 24.13
CA ARG B 2 17.66 23.56 23.43
C ARG B 2 16.15 23.39 23.24
N GLU B 3 15.51 24.43 22.73
CA GLU B 3 14.06 24.45 22.58
C GLU B 3 13.68 25.00 21.21
N ASP B 4 12.76 24.32 20.55
CA ASP B 4 12.15 24.79 19.31
C ASP B 4 10.75 25.25 19.68
N THR B 5 10.56 26.56 19.74
CA THR B 5 9.30 27.14 20.21
C THR B 5 8.18 27.09 19.18
N LYS B 6 8.51 26.75 17.93
CA LYS B 6 7.51 26.58 16.89
C LYS B 6 6.56 25.41 17.22
N VAL B 7 5.26 25.70 17.25
CA VAL B 7 4.25 24.69 17.48
C VAL B 7 3.93 24.02 16.14
N TYR B 8 4.33 22.77 15.99
CA TYR B 8 4.05 22.03 14.78
C TYR B 8 2.63 21.46 14.79
N ASP B 9 2.05 21.29 13.60
CA ASP B 9 0.72 20.68 13.49
C ASP B 9 0.82 19.22 13.88
N ILE B 10 1.76 18.52 13.24
CA ILE B 10 1.98 17.10 13.47
C ILE B 10 3.47 16.81 13.70
N THR B 11 3.76 16.13 14.81
CA THR B 11 5.12 15.68 15.11
C THR B 11 5.13 14.16 15.20
N ILE B 12 6.05 13.55 14.44
CA ILE B 12 6.06 12.12 14.21
C ILE B 12 7.22 11.52 14.98
N ILE B 13 6.93 10.59 15.90
CA ILE B 13 7.97 9.90 16.64
C ILE B 13 8.38 8.62 15.93
N GLY B 14 9.53 8.67 15.27
CA GLY B 14 10.10 7.52 14.57
C GLY B 14 10.06 7.71 13.06
N GLY B 15 11.22 7.58 12.42
CA GLY B 15 11.35 7.76 10.95
C GLY B 15 11.63 6.45 10.20
N GLY B 16 10.91 5.39 10.59
CA GLY B 16 10.88 4.14 9.84
C GLY B 16 9.97 4.32 8.64
N PRO B 17 9.65 3.23 7.92
CA PRO B 17 8.78 3.39 6.74
C PRO B 17 7.42 4.03 7.03
N VAL B 18 6.80 3.69 8.16
CA VAL B 18 5.48 4.22 8.47
C VAL B 18 5.52 5.71 8.84
N GLY B 19 6.54 6.12 9.59
CA GLY B 19 6.74 7.54 9.89
C GLY B 19 7.00 8.39 8.64
N LEU B 20 7.76 7.83 7.69
CA LEU B 20 8.02 8.54 6.43
C LEU B 20 6.76 8.78 5.62
N PHE B 21 5.92 7.75 5.47
CA PHE B 21 4.66 7.90 4.73
C PHE B 21 3.69 8.80 5.49
N THR B 22 3.63 8.65 6.81
CA THR B 22 2.88 9.58 7.67
C THR B 22 3.30 11.03 7.41
N ALA B 23 4.61 11.26 7.31
CA ALA B 23 5.15 12.61 7.06
C ALA B 23 4.76 13.12 5.69
N PHE B 24 4.84 12.25 4.68
CA PHE B 24 4.36 12.59 3.36
C PHE B 24 2.87 12.97 3.42
N TYR B 25 2.08 12.16 4.11
CA TYR B 25 0.64 12.38 4.13
C TYR B 25 0.27 13.68 4.84
N GLY B 26 0.98 14.00 5.92
CA GLY B 26 0.85 15.30 6.56
C GLY B 26 1.02 16.44 5.57
N GLY B 27 2.05 16.35 4.74
CA GLY B 27 2.27 17.35 3.70
C GLY B 27 1.11 17.43 2.74
N MET B 28 0.62 16.26 2.31
CA MET B 28 -0.58 16.16 1.49
C MET B 28 -1.75 16.93 2.09
N ARG B 29 -1.90 16.84 3.40
CA ARG B 29 -2.97 17.53 4.10
C ARG B 29 -2.56 18.94 4.57
N GLN B 30 -1.53 19.51 3.96
CA GLN B 30 -1.11 20.89 4.25
C GLN B 30 -0.84 21.15 5.74
N ALA B 31 -0.25 20.17 6.42
CA ALA B 31 0.15 20.31 7.83
C ALA B 31 1.65 20.54 7.92
N SER B 32 2.06 21.36 8.88
CA SER B 32 3.47 21.51 9.23
C SER B 32 3.88 20.22 9.96
N VAL B 33 5.03 19.67 9.55
CA VAL B 33 5.46 18.35 10.02
C VAL B 33 6.90 18.33 10.52
N LYS B 34 7.08 17.69 11.67
CA LYS B 34 8.40 17.35 12.20
C LYS B 34 8.50 15.84 12.40
N ILE B 35 9.62 15.25 11.99
CA ILE B 35 9.96 13.85 12.31
C ILE B 35 11.13 13.79 13.26
N ILE B 36 10.98 13.06 14.36
CA ILE B 36 12.05 12.90 15.33
C ILE B 36 12.47 11.42 15.32
N GLU B 37 13.75 11.19 15.04
CA GLU B 37 14.28 9.85 14.88
C GLU B 37 15.53 9.65 15.74
N SER B 38 15.53 8.54 16.48
CA SER B 38 16.59 8.19 17.39
C SER B 38 17.95 7.96 16.71
N LEU B 39 17.95 7.32 15.54
CA LEU B 39 19.20 7.02 14.86
C LEU B 39 19.66 8.20 14.00
N PRO B 40 20.93 8.19 13.53
CA PRO B 40 21.41 9.20 12.58
C PRO B 40 20.95 8.99 11.14
N GLN B 41 20.05 8.03 10.91
CA GLN B 41 19.46 7.78 9.61
C GLN B 41 18.00 7.38 9.76
N LEU B 42 17.25 7.65 8.70
CA LEU B 42 15.86 7.24 8.59
C LEU B 42 15.82 5.83 8.02
N GLY B 43 14.69 5.16 8.17
CA GLY B 43 14.48 3.85 7.53
C GLY B 43 14.08 2.70 8.44
N GLY B 44 14.19 2.90 9.76
CA GLY B 44 13.68 1.92 10.72
C GLY B 44 14.27 0.52 10.57
N GLN B 45 13.42 -0.49 10.71
CA GLN B 45 13.87 -1.89 10.61
C GLN B 45 14.43 -2.26 9.24
N LEU B 46 13.90 -1.64 8.18
CA LEU B 46 14.33 -1.96 6.83
C LEU B 46 15.82 -1.61 6.66
N SER B 47 16.17 -0.36 6.93
CA SER B 47 17.55 0.12 6.79
C SER B 47 18.51 -0.50 7.82
N ALA B 48 18.01 -0.78 9.01
CA ALA B 48 18.87 -1.27 10.10
C ALA B 48 19.04 -2.78 10.08
N LEU B 49 17.98 -3.51 9.73
CA LEU B 49 17.98 -4.97 9.93
C LEU B 49 17.90 -5.82 8.65
N TYR B 50 17.46 -5.24 7.53
CA TYR B 50 17.42 -6.01 6.26
C TYR B 50 17.41 -5.16 4.99
N PRO B 51 18.33 -4.20 4.89
CA PRO B 51 18.31 -3.24 3.77
C PRO B 51 18.49 -3.88 2.40
N GLU B 52 19.16 -5.02 2.36
CA GLU B 52 19.47 -5.71 1.11
C GLU B 52 18.38 -6.66 0.61
N LYS B 53 17.43 -7.02 1.48
CA LYS B 53 16.48 -8.07 1.17
C LYS B 53 15.30 -7.57 0.32
N TYR B 54 14.82 -8.43 -0.57
CA TYR B 54 13.61 -8.16 -1.34
C TYR B 54 12.35 -8.37 -0.51
N ILE B 55 11.46 -7.39 -0.59
CA ILE B 55 10.14 -7.46 0.02
C ILE B 55 9.13 -7.73 -1.10
N TYR B 56 8.20 -8.65 -0.85
CA TYR B 56 7.26 -9.09 -1.88
C TYR B 56 5.79 -8.75 -1.60
N ASP B 57 5.47 -8.32 -0.38
CA ASP B 57 4.09 -8.12 0.05
C ASP B 57 3.74 -6.65 0.38
N VAL B 58 4.42 -5.72 -0.29
CA VAL B 58 3.99 -4.32 -0.26
C VAL B 58 3.19 -4.07 -1.55
N ALA B 59 2.00 -3.47 -1.40
CA ALA B 59 1.04 -3.40 -2.50
C ALA B 59 1.61 -2.59 -3.64
N GLY B 60 1.59 -3.22 -4.81
CA GLY B 60 2.08 -2.60 -6.04
C GLY B 60 3.51 -2.90 -6.41
N PHE B 61 4.23 -3.61 -5.55
CA PHE B 61 5.62 -3.98 -5.82
C PHE B 61 5.78 -5.49 -5.88
N PRO B 62 5.85 -6.06 -7.10
CA PRO B 62 6.15 -7.47 -7.22
C PRO B 62 7.44 -7.89 -6.46
N LYS B 63 8.42 -7.02 -6.44
CA LYS B 63 9.55 -7.15 -5.51
C LYS B 63 10.32 -5.85 -5.42
N ILE B 64 10.68 -5.45 -4.20
CA ILE B 64 11.48 -4.26 -4.01
C ILE B 64 12.47 -4.49 -2.86
N ARG B 65 13.73 -4.11 -3.08
CA ARG B 65 14.73 -4.14 -2.03
C ARG B 65 14.30 -3.21 -0.90
N ALA B 66 14.42 -3.69 0.33
CA ALA B 66 13.99 -2.89 1.49
C ALA B 66 14.56 -1.46 1.48
N GLN B 67 15.86 -1.30 1.27
CA GLN B 67 16.43 0.06 1.26
C GLN B 67 15.87 0.91 0.11
N GLU B 68 15.54 0.29 -1.02
CA GLU B 68 14.95 1.01 -2.14
C GLU B 68 13.56 1.53 -1.84
N LEU B 69 12.80 0.80 -1.02
CA LEU B 69 11.49 1.26 -0.58
C LEU B 69 11.66 2.49 0.30
N ILE B 70 12.64 2.46 1.19
CA ILE B 70 12.96 3.61 2.03
C ILE B 70 13.33 4.81 1.14
N ASN B 71 14.17 4.57 0.15
CA ASN B 71 14.57 5.64 -0.78
C ASN B 71 13.36 6.26 -1.50
N ASN B 72 12.44 5.39 -1.95
CA ASN B 72 11.20 5.80 -2.60
C ASN B 72 10.33 6.68 -1.70
N LEU B 73 10.19 6.28 -0.43
CA LEU B 73 9.44 7.05 0.55
C LEU B 73 10.06 8.41 0.82
N LYS B 74 11.39 8.46 0.86
CA LYS B 74 12.09 9.74 1.03
C LYS B 74 11.88 10.65 -0.18
N GLU B 75 11.88 10.08 -1.38
CA GLU B 75 11.62 10.84 -2.59
C GLU B 75 10.18 11.36 -2.58
N GLN B 76 9.26 10.49 -2.15
CA GLN B 76 7.85 10.85 -2.08
C GLN B 76 7.62 12.04 -1.13
N MET B 77 8.21 12.00 0.06
CA MET B 77 8.00 13.08 1.04
C MET B 77 8.78 14.36 0.72
N ALA B 78 9.82 14.26 -0.09
CA ALA B 78 10.64 15.42 -0.50
C ALA B 78 9.84 16.47 -1.29
N LYS B 79 8.64 16.08 -1.73
CA LYS B 79 7.70 17.00 -2.37
C LYS B 79 7.25 18.13 -1.42
N PHE B 80 7.28 17.86 -0.12
CA PHE B 80 6.85 18.81 0.89
C PHE B 80 7.99 19.13 1.85
N ASP B 81 7.76 20.09 2.73
CA ASP B 81 8.71 20.46 3.76
C ASP B 81 8.45 19.67 5.02
N GLN B 82 9.50 19.06 5.56
CA GLN B 82 9.49 18.50 6.89
C GLN B 82 10.73 18.97 7.64
N THR B 83 10.60 19.07 8.95
CA THR B 83 11.72 19.28 9.83
C THR B 83 12.12 17.93 10.39
N ILE B 84 13.32 17.49 10.04
CA ILE B 84 13.81 16.19 10.48
C ILE B 84 14.81 16.40 11.60
N CYS B 85 14.57 15.74 12.72
CA CYS B 85 15.48 15.79 13.85
C CYS B 85 16.04 14.39 14.10
N LEU B 86 17.22 14.14 13.51
CA LEU B 86 17.92 12.87 13.67
C LEU B 86 18.71 12.83 14.96
N GLU B 87 19.10 11.63 15.38
CA GLU B 87 19.83 11.40 16.62
C GLU B 87 19.13 12.00 17.83
N GLN B 88 17.80 11.93 17.83
CA GLN B 88 16.98 12.39 18.94
C GLN B 88 15.97 11.31 19.31
N ALA B 89 16.14 10.71 20.49
CA ALA B 89 15.14 9.79 21.03
C ALA B 89 14.21 10.56 21.97
N VAL B 90 12.90 10.48 21.72
CA VAL B 90 11.91 11.12 22.59
C VAL B 90 11.85 10.36 23.93
N GLU B 91 12.02 11.13 25.02
CA GLU B 91 11.99 10.61 26.39
C GLU B 91 10.70 10.96 27.11
N SER B 92 10.09 12.09 26.76
CA SER B 92 8.89 12.57 27.42
C SER B 92 7.93 13.18 26.43
N VAL B 93 6.66 12.78 26.53
CA VAL B 93 5.57 13.47 25.84
C VAL B 93 4.50 13.83 26.87
N GLU B 94 4.12 15.11 26.90
CA GLU B 94 3.08 15.58 27.82
C GLU B 94 2.13 16.53 27.11
N LYS B 95 0.83 16.26 27.25
CA LYS B 95 -0.19 17.18 26.72
C LYS B 95 -0.45 18.25 27.78
N GLN B 96 0.01 19.46 27.51
CA GLN B 96 -0.02 20.55 28.48
C GLN B 96 -1.44 21.09 28.70
N ALA B 97 -1.57 22.02 29.65
CA ALA B 97 -2.87 22.61 29.99
C ALA B 97 -3.51 23.34 28.81
N ASP B 98 -2.68 24.04 28.02
CA ASP B 98 -3.16 24.74 26.82
C ASP B 98 -3.54 23.81 25.66
N GLY B 99 -3.33 22.50 25.83
CA GLY B 99 -3.64 21.51 24.79
C GLY B 99 -2.46 21.15 23.93
N VAL B 100 -1.41 21.98 23.96
CA VAL B 100 -0.21 21.77 23.15
C VAL B 100 0.64 20.64 23.74
N PHE B 101 1.05 19.70 22.89
CA PHE B 101 1.95 18.62 23.30
C PHE B 101 3.37 19.13 23.43
N LYS B 102 4.05 18.72 24.49
CA LYS B 102 5.44 19.07 24.71
C LYS B 102 6.26 17.81 24.66
N LEU B 103 7.23 17.75 23.74
CA LEU B 103 8.07 16.59 23.58
C LEU B 103 9.52 16.94 23.94
N VAL B 104 10.12 16.15 24.81
CA VAL B 104 11.51 16.37 25.23
C VAL B 104 12.34 15.15 24.85
N THR B 105 13.45 15.41 24.15
CA THR B 105 14.40 14.38 23.79
C THR B 105 15.68 14.60 24.59
N ASN B 106 16.70 13.82 24.27
CA ASN B 106 18.05 14.00 24.81
C ASN B 106 18.72 15.32 24.41
N GLU B 107 18.24 15.95 23.34
CA GLU B 107 18.88 17.14 22.77
C GLU B 107 18.03 18.41 22.78
N GLU B 108 16.69 18.25 22.76
CA GLU B 108 15.82 19.37 22.41
C GLU B 108 14.38 19.19 22.88
N THR B 109 13.71 20.32 23.09
CA THR B 109 12.30 20.37 23.50
C THR B 109 11.45 20.88 22.33
N HIS B 110 10.36 20.16 22.04
CA HIS B 110 9.51 20.44 20.88
C HIS B 110 8.06 20.62 21.29
N TYR B 111 7.30 21.31 20.45
CA TYR B 111 5.87 21.48 20.68
C TYR B 111 5.05 21.15 19.44
N SER B 112 3.83 20.63 19.67
CA SER B 112 2.99 20.14 18.59
C SER B 112 1.51 20.12 18.95
N LYS B 113 0.66 20.43 17.98
CA LYS B 113 -0.79 20.31 18.17
C LYS B 113 -1.21 18.84 18.30
N THR B 114 -0.60 17.99 17.46
CA THR B 114 -0.82 16.55 17.54
C THR B 114 0.50 15.77 17.48
N VAL B 115 0.48 14.57 18.03
CA VAL B 115 1.60 13.64 17.91
C VAL B 115 1.13 12.33 17.24
N ILE B 116 1.90 11.84 16.28
CA ILE B 116 1.67 10.52 15.68
C ILE B 116 2.92 9.69 15.96
N ILE B 117 2.80 8.69 16.84
CA ILE B 117 3.92 7.82 17.16
C ILE B 117 3.99 6.64 16.17
N THR B 118 5.15 6.52 15.53
CA THR B 118 5.42 5.46 14.57
C THR B 118 6.75 4.79 14.96
N ALA B 119 6.81 4.31 16.21
CA ALA B 119 8.07 3.92 16.85
C ALA B 119 8.48 2.46 16.67
N GLY B 120 7.63 1.69 15.99
CA GLY B 120 7.88 0.27 15.78
C GLY B 120 8.02 -0.52 17.07
N ASN B 121 9.22 -1.04 17.32
CA ASN B 121 9.54 -1.75 18.56
C ASN B 121 10.24 -0.86 19.59
N GLY B 122 10.31 0.45 19.32
CA GLY B 122 11.06 1.37 20.15
C GLY B 122 12.29 1.95 19.48
N ALA B 123 12.94 2.91 20.17
CA ALA B 123 14.07 3.65 19.60
C ALA B 123 15.23 2.72 19.34
N PHE B 124 15.76 2.78 18.12
CA PHE B 124 16.96 2.04 17.78
C PHE B 124 18.14 2.76 18.39
N LYS B 125 19.06 1.97 18.94
CA LYS B 125 20.35 2.45 19.37
C LYS B 125 21.39 1.45 18.88
N PRO B 126 22.58 1.94 18.49
CA PRO B 126 23.64 0.98 18.17
C PRO B 126 24.09 0.26 19.42
N ARG B 127 24.41 -1.03 19.31
CA ARG B 127 25.01 -1.75 20.43
C ARG B 127 26.42 -1.15 20.62
N LYS B 128 26.72 -0.76 21.85
CA LYS B 128 27.96 -0.05 22.14
C LYS B 128 29.05 -0.95 22.71
N LEU B 129 30.29 -0.47 22.59
CA LEU B 129 31.45 -1.12 23.20
C LEU B 129 31.29 -1.12 24.71
N GLU B 130 31.36 -2.30 25.32
CA GLU B 130 31.34 -2.42 26.77
C GLU B 130 32.77 -2.39 27.34
N LEU B 131 33.40 -1.23 27.22
CA LEU B 131 34.67 -0.95 27.91
C LEU B 131 34.53 0.38 28.63
N GLU B 132 35.18 0.49 29.77
CA GLU B 132 34.89 1.54 30.76
C GLU B 132 35.14 2.94 30.25
N ASN B 133 36.19 3.10 29.45
CA ASN B 133 36.56 4.41 28.90
C ASN B 133 36.06 4.66 27.47
N ALA B 134 35.26 3.76 26.93
CA ALA B 134 34.79 3.85 25.55
C ALA B 134 34.03 5.17 25.27
N GLU B 135 33.04 5.47 26.11
CA GLU B 135 32.21 6.68 25.92
C GLU B 135 33.01 7.98 25.84
N GLN B 136 34.14 8.01 26.52
CA GLN B 136 35.09 9.13 26.48
C GLN B 136 35.52 9.47 25.04
N TYR B 137 35.54 8.46 24.18
CA TYR B 137 36.03 8.63 22.80
C TYR B 137 34.94 8.93 21.76
N GLU B 138 33.68 8.83 22.15
CA GLU B 138 32.57 9.19 21.27
C GLU B 138 32.67 10.68 20.96
N GLY B 139 32.49 11.02 19.69
CA GLY B 139 32.69 12.39 19.22
C GLY B 139 34.14 12.65 18.84
N LYS B 140 35.01 11.67 19.08
CA LYS B 140 36.40 11.77 18.70
C LYS B 140 36.62 10.74 17.60
N ASN B 141 37.40 9.69 17.85
CA ASN B 141 37.71 8.70 16.80
C ASN B 141 37.15 7.29 17.06
N LEU B 142 36.13 7.22 17.91
CA LEU B 142 35.31 6.02 18.05
C LEU B 142 34.00 6.27 17.33
N HIS B 143 33.65 5.38 16.40
CA HIS B 143 32.55 5.58 15.47
C HIS B 143 31.51 4.46 15.56
N TYR B 144 30.27 4.83 15.85
CA TYR B 144 29.14 3.89 15.73
C TYR B 144 28.35 4.09 14.44
N PHE B 145 28.37 5.31 13.91
CA PHE B 145 27.75 5.63 12.63
C PHE B 145 28.84 6.21 11.74
N VAL B 146 28.93 5.70 10.52
CA VAL B 146 29.92 6.16 9.54
C VAL B 146 29.20 6.79 8.37
N ASP B 147 29.59 8.01 8.01
CA ASP B 147 29.01 8.75 6.88
C ASP B 147 30.08 9.16 5.86
N ASP B 148 31.06 9.95 6.31
CA ASP B 148 32.09 10.49 5.43
C ASP B 148 33.29 9.54 5.40
N LEU B 149 33.18 8.51 4.55
CA LEU B 149 34.25 7.50 4.44
C LEU B 149 35.59 8.05 3.98
N GLN B 150 35.56 9.17 3.27
CA GLN B 150 36.79 9.82 2.79
C GLN B 150 37.74 10.23 3.90
N LYS B 151 37.20 10.49 5.10
CA LYS B 151 38.04 10.94 6.21
C LYS B 151 38.93 9.81 6.74
N PHE B 152 38.69 8.58 6.31
CA PHE B 152 39.56 7.46 6.68
C PHE B 152 40.69 7.24 5.67
N ALA B 153 40.71 8.02 4.59
CA ALA B 153 41.76 7.92 3.58
C ALA B 153 43.13 8.07 4.23
N GLY B 154 44.01 7.12 3.98
CA GLY B 154 45.38 7.18 4.45
C GLY B 154 45.54 6.95 5.95
N ARG B 155 44.49 6.47 6.61
CA ARG B 155 44.51 6.25 8.06
C ARG B 155 44.48 4.77 8.43
N ARG B 156 44.86 4.49 9.66
CA ARG B 156 44.87 3.13 10.21
C ARG B 156 43.55 2.86 10.92
N VAL B 157 42.73 1.98 10.34
CA VAL B 157 41.38 1.74 10.85
C VAL B 157 41.20 0.35 11.41
N ALA B 158 40.50 0.25 12.54
CA ALA B 158 40.09 -1.04 13.10
C ALA B 158 38.57 -1.08 13.13
N ILE B 159 38.01 -2.21 12.73
CA ILE B 159 36.56 -2.41 12.67
C ILE B 159 36.19 -3.56 13.60
N LEU B 160 35.21 -3.34 14.46
CA LEU B 160 34.75 -4.37 15.40
C LEU B 160 33.42 -4.97 14.96
N GLY B 161 33.39 -6.29 14.85
CA GLY B 161 32.16 -7.01 14.54
C GLY B 161 32.31 -7.97 13.38
N GLY B 162 31.37 -8.89 13.26
CA GLY B 162 31.45 -9.93 12.24
C GLY B 162 30.27 -10.05 11.30
N GLY B 163 29.45 -9.01 11.24
CA GLY B 163 28.26 -8.96 10.39
C GLY B 163 28.51 -8.21 9.11
N ASP B 164 27.46 -8.08 8.31
CA ASP B 164 27.61 -7.43 7.02
C ASP B 164 28.02 -5.98 7.12
N SER B 165 27.61 -5.29 8.19
CA SER B 165 28.00 -3.88 8.36
C SER B 165 29.51 -3.77 8.53
N ALA B 166 30.07 -4.57 9.44
CA ALA B 166 31.51 -4.60 9.69
C ALA B 166 32.29 -5.04 8.45
N VAL B 167 31.86 -6.13 7.82
CA VAL B 167 32.56 -6.67 6.66
C VAL B 167 32.48 -5.71 5.46
N ASP B 168 31.31 -5.12 5.23
CA ASP B 168 31.14 -4.12 4.18
C ASP B 168 32.10 -2.95 4.38
N TRP B 169 32.15 -2.39 5.60
CA TRP B 169 33.06 -1.27 5.87
C TRP B 169 34.53 -1.66 5.64
N ALA B 170 34.92 -2.84 6.09
CA ALA B 170 36.30 -3.32 5.91
C ALA B 170 36.67 -3.33 4.43
N LEU B 171 35.79 -3.91 3.61
CA LEU B 171 36.02 -4.02 2.17
C LEU B 171 36.00 -2.68 1.45
N MET B 172 35.09 -1.80 1.86
CA MET B 172 35.01 -0.45 1.29
C MET B 172 36.20 0.42 1.67
N LEU B 173 36.72 0.25 2.89
CA LEU B 173 37.83 1.08 3.35
C LEU B 173 39.21 0.58 2.86
N GLU B 174 39.33 -0.73 2.64
CA GLU B 174 40.61 -1.34 2.27
C GLU B 174 41.32 -0.57 1.15
N PRO B 175 40.61 -0.22 0.06
CA PRO B 175 41.29 0.51 -1.01
C PRO B 175 41.75 1.94 -0.72
N ILE B 176 41.25 2.59 0.33
CA ILE B 176 41.67 3.97 0.60
C ILE B 176 42.40 4.19 1.92
N ALA B 177 42.24 3.29 2.90
CA ALA B 177 42.94 3.40 4.17
C ALA B 177 44.38 2.93 4.02
N LYS B 178 45.23 3.41 4.93
CA LYS B 178 46.60 2.92 5.04
C LYS B 178 46.57 1.45 5.46
N GLU B 179 45.72 1.15 6.43
CA GLU B 179 45.65 -0.17 7.03
C GLU B 179 44.23 -0.40 7.52
N VAL B 180 43.68 -1.59 7.28
CA VAL B 180 42.36 -1.98 7.83
C VAL B 180 42.48 -3.32 8.55
N SER B 181 41.91 -3.37 9.75
CA SER B 181 41.81 -4.61 10.50
C SER B 181 40.36 -4.80 10.88
N ILE B 182 39.91 -6.06 10.89
CA ILE B 182 38.59 -6.39 11.39
C ILE B 182 38.74 -7.41 12.49
N ILE B 183 38.04 -7.16 13.59
CA ILE B 183 38.17 -7.97 14.79
C ILE B 183 36.81 -8.60 15.11
N HIS B 184 36.77 -9.93 15.18
CA HIS B 184 35.51 -10.64 15.41
C HIS B 184 35.74 -11.80 16.39
N ARG B 185 34.72 -12.08 17.20
CA ARG B 185 34.83 -13.00 18.33
C ARG B 185 34.67 -14.49 17.99
N ARG B 186 34.53 -14.82 16.71
CA ARG B 186 34.47 -16.21 16.25
C ARG B 186 35.25 -16.30 14.94
N ASP B 187 35.72 -17.48 14.60
CA ASP B 187 36.36 -17.67 13.29
C ASP B 187 35.35 -17.64 12.15
N LYS B 188 34.12 -18.05 12.46
CA LYS B 188 33.00 -17.92 11.55
C LYS B 188 32.38 -16.52 11.65
N PHE B 189 32.28 -15.84 10.51
CA PHE B 189 31.58 -14.55 10.43
C PHE B 189 30.07 -14.73 10.22
N ARG B 190 29.30 -13.74 10.63
CA ARG B 190 27.84 -13.70 10.45
C ARG B 190 27.46 -13.11 9.08
N ALA B 191 28.40 -12.36 8.49
CA ALA B 191 28.24 -11.75 7.19
C ALA B 191 28.02 -12.77 6.07
N HIS B 192 27.52 -12.28 4.94
CA HIS B 192 27.22 -13.15 3.79
C HIS B 192 28.49 -13.82 3.26
N GLU B 193 28.35 -15.07 2.85
CA GLU B 193 29.49 -15.93 2.54
C GLU B 193 30.42 -15.34 1.48
N HIS B 194 29.85 -14.79 0.41
CA HIS B 194 30.66 -14.20 -0.66
C HIS B 194 31.47 -12.98 -0.18
N SER B 195 30.86 -12.14 0.64
CA SER B 195 31.57 -11.02 1.29
C SER B 195 32.74 -11.52 2.13
N VAL B 196 32.50 -12.61 2.88
CA VAL B 196 33.52 -13.19 3.74
C VAL B 196 34.67 -13.74 2.89
N GLU B 197 34.35 -14.39 1.78
CA GLU B 197 35.38 -14.82 0.81
C GLU B 197 36.18 -13.64 0.29
N ASN B 198 35.50 -12.55 -0.06
CA ASN B 198 36.17 -11.34 -0.48
C ASN B 198 37.06 -10.81 0.63
N LEU B 199 36.56 -10.83 1.86
CA LEU B 199 37.31 -10.36 3.04
C LEU B 199 38.64 -11.11 3.18
N HIS B 200 38.60 -12.43 3.11
CA HIS B 200 39.82 -13.22 3.26
C HIS B 200 40.79 -13.05 2.09
N ALA B 201 40.27 -12.83 0.89
CA ALA B 201 41.11 -12.60 -0.30
C ALA B 201 41.76 -11.22 -0.32
N SER B 202 41.22 -10.29 0.46
CA SER B 202 41.71 -8.92 0.51
C SER B 202 42.93 -8.80 1.41
N LYS B 203 43.46 -7.59 1.49
CA LYS B 203 44.58 -7.27 2.38
C LYS B 203 44.15 -6.79 3.78
N VAL B 204 42.85 -6.87 4.07
CA VAL B 204 42.35 -6.59 5.41
C VAL B 204 42.98 -7.59 6.39
N ASN B 205 43.50 -7.07 7.51
CA ASN B 205 43.99 -7.87 8.62
C ASN B 205 42.81 -8.45 9.41
N VAL B 206 42.56 -9.74 9.25
CA VAL B 206 41.45 -10.38 9.98
C VAL B 206 41.99 -10.95 11.31
N LEU B 207 41.42 -10.49 12.43
CA LEU B 207 41.76 -11.00 13.74
C LEU B 207 40.57 -11.72 14.36
N THR B 208 40.62 -13.05 14.33
CA THR B 208 39.63 -13.91 14.96
C THR B 208 40.34 -15.09 15.63
N PRO B 209 39.76 -15.65 16.71
CA PRO B 209 38.60 -15.17 17.45
C PRO B 209 39.06 -14.25 18.59
N PHE B 210 38.76 -12.96 18.49
CA PHE B 210 39.26 -11.96 19.45
C PHE B 210 38.14 -11.04 19.92
N VAL B 211 38.30 -10.49 21.12
CA VAL B 211 37.47 -9.40 21.62
C VAL B 211 38.35 -8.22 22.05
N PRO B 212 37.80 -6.99 21.99
CA PRO B 212 38.53 -5.85 22.51
C PRO B 212 38.75 -5.95 24.03
N ALA B 213 39.97 -5.70 24.48
CA ALA B 213 40.34 -5.79 25.91
C ALA B 213 40.53 -4.41 26.54
N GLU B 214 41.10 -3.48 25.79
CA GLU B 214 41.49 -2.19 26.31
C GLU B 214 41.62 -1.15 25.19
N LEU B 215 41.10 0.05 25.45
CA LEU B 215 41.36 1.20 24.62
C LEU B 215 42.40 2.08 25.33
N ILE B 216 43.41 2.52 24.59
CA ILE B 216 44.47 3.35 25.15
C ILE B 216 44.56 4.67 24.38
N GLY B 217 44.58 5.78 25.11
CA GLY B 217 44.66 7.10 24.51
C GLY B 217 44.11 8.16 25.45
N GLU B 218 44.94 9.17 25.73
CA GLU B 218 44.58 10.26 26.63
C GLU B 218 43.46 11.13 26.03
N ASP B 219 43.57 11.41 24.74
CA ASP B 219 42.59 12.23 24.05
C ASP B 219 41.85 11.32 23.07
N LYS B 220 42.45 11.07 21.91
CA LYS B 220 41.90 10.12 20.95
C LYS B 220 42.47 8.73 21.24
N ILE B 221 41.78 7.69 20.79
CA ILE B 221 42.29 6.33 20.87
C ILE B 221 43.55 6.27 20.00
N GLU B 222 44.65 5.78 20.57
CA GLU B 222 45.89 5.52 19.82
C GLU B 222 46.15 4.04 19.66
N GLN B 223 45.71 3.24 20.63
CA GLN B 223 45.94 1.79 20.60
C GLN B 223 44.71 1.01 21.01
N LEU B 224 44.54 -0.15 20.36
CA LEU B 224 43.49 -1.10 20.68
C LEU B 224 44.11 -2.44 21.09
N VAL B 225 43.85 -2.88 22.32
CA VAL B 225 44.33 -4.18 22.77
C VAL B 225 43.23 -5.23 22.60
N LEU B 226 43.58 -6.36 22.00
CA LEU B 226 42.65 -7.46 21.81
C LEU B 226 43.12 -8.69 22.57
N GLU B 227 42.17 -9.53 22.94
CA GLU B 227 42.50 -10.80 23.58
C GLU B 227 41.76 -11.94 22.89
N GLU B 228 42.46 -13.05 22.71
CA GLU B 228 41.90 -14.21 22.04
C GLU B 228 40.76 -14.77 22.89
N VAL B 229 39.67 -15.18 22.25
CA VAL B 229 38.55 -15.81 22.93
C VAL B 229 38.99 -17.24 23.30
N LYS B 230 38.80 -17.61 24.56
CA LYS B 230 39.21 -18.94 25.05
C LYS B 230 40.69 -19.21 24.71
N GLY B 231 41.53 -18.21 24.94
CA GLY B 231 42.95 -18.33 24.65
C GLY B 231 43.77 -17.49 25.61
N ASP B 232 45.08 -17.59 25.47
CA ASP B 232 46.02 -16.81 26.27
C ASP B 232 46.91 -16.09 25.29
N ARG B 233 46.35 -15.03 24.70
CA ARG B 233 47.10 -14.23 23.76
C ARG B 233 46.43 -12.89 23.57
N LYS B 234 47.25 -11.86 23.56
CA LYS B 234 46.82 -10.52 23.22
C LYS B 234 47.50 -10.03 21.95
N GLU B 235 46.86 -9.04 21.33
CA GLU B 235 47.42 -8.29 20.21
C GLU B 235 47.16 -6.81 20.47
N ILE B 236 48.08 -5.94 20.05
CA ILE B 236 47.86 -4.50 20.13
C ILE B 236 47.96 -3.91 18.74
N LEU B 237 46.95 -3.12 18.37
CA LEU B 237 46.92 -2.41 17.11
C LEU B 237 47.16 -0.91 17.33
N GLU B 238 48.02 -0.34 16.51
CA GLU B 238 48.16 1.11 16.44
C GLU B 238 47.09 1.59 15.46
N ILE B 239 46.19 2.47 15.90
CA ILE B 239 45.06 2.90 15.08
C ILE B 239 44.80 4.40 15.16
N ASP B 240 44.16 4.91 14.11
CA ASP B 240 43.71 6.29 14.03
C ASP B 240 42.20 6.41 14.23
N ASP B 241 41.48 5.33 13.93
CA ASP B 241 40.02 5.29 14.07
C ASP B 241 39.53 3.89 14.41
N LEU B 242 38.48 3.83 15.22
CA LEU B 242 37.83 2.59 15.60
C LEU B 242 36.36 2.68 15.20
N ILE B 243 35.92 1.75 14.36
CA ILE B 243 34.52 1.67 13.94
C ILE B 243 33.91 0.45 14.64
N VAL B 244 32.77 0.63 15.31
CA VAL B 244 32.09 -0.50 15.95
C VAL B 244 30.78 -0.83 15.24
N ASN B 245 30.66 -2.07 14.77
CA ASN B 245 29.46 -2.57 14.08
C ASN B 245 28.91 -3.80 14.78
N TYR B 246 28.31 -3.54 15.93
CA TYR B 246 27.77 -4.61 16.78
C TYR B 246 26.25 -4.74 16.65
N GLY B 247 25.67 -4.14 15.61
CA GLY B 247 24.24 -4.23 15.37
C GLY B 247 23.43 -3.21 16.15
N PHE B 248 22.14 -3.49 16.29
CA PHE B 248 21.21 -2.53 16.87
C PHE B 248 20.33 -3.20 17.91
N VAL B 249 19.89 -2.40 18.88
CA VAL B 249 18.99 -2.84 19.92
C VAL B 249 17.84 -1.82 19.95
N SER B 250 16.64 -2.29 20.25
CA SER B 250 15.47 -1.41 20.41
C SER B 250 14.63 -1.87 21.59
N SER B 251 13.94 -0.92 22.19
CA SER B 251 13.00 -1.18 23.27
C SER B 251 12.08 0.02 23.41
N LEU B 252 10.88 -0.20 23.94
CA LEU B 252 9.93 0.88 24.17
C LEU B 252 10.54 1.94 25.10
N GLY B 253 11.21 1.48 26.15
CA GLY B 253 11.84 2.37 27.14
C GLY B 253 10.86 3.37 27.72
N PRO B 254 11.12 4.67 27.52
CA PRO B 254 10.29 5.71 28.14
C PRO B 254 8.92 5.91 27.50
N ILE B 255 8.68 5.25 26.37
CA ILE B 255 7.35 5.25 25.75
C ILE B 255 6.29 4.73 26.73
N LYS B 256 6.70 3.84 27.64
CA LYS B 256 5.81 3.28 28.66
C LYS B 256 5.47 4.25 29.80
N ASN B 257 6.07 5.44 29.81
CA ASN B 257 5.85 6.40 30.90
C ASN B 257 5.05 7.65 30.51
N TRP B 258 4.34 7.59 29.38
CA TRP B 258 3.59 8.76 28.88
C TRP B 258 2.08 8.66 29.14
N GLY B 259 1.68 7.68 29.95
CA GLY B 259 0.27 7.50 30.31
C GLY B 259 -0.58 6.93 29.19
N LEU B 260 0.07 6.35 28.18
CA LEU B 260 -0.63 5.69 27.09
C LEU B 260 -1.10 4.31 27.53
N ASP B 261 -2.19 3.85 26.92
CA ASP B 261 -2.71 2.50 27.13
C ASP B 261 -1.85 1.52 26.34
N ILE B 262 -1.09 0.67 27.03
CA ILE B 262 -0.16 -0.26 26.37
C ILE B 262 -0.45 -1.73 26.67
N GLU B 263 -0.42 -2.56 25.63
CA GLU B 263 -0.53 -4.02 25.76
C GLU B 263 0.60 -4.68 24.99
N LYS B 264 1.32 -5.62 25.61
CA LYS B 264 2.33 -6.43 24.91
C LYS B 264 3.23 -5.58 24.01
N ASN B 265 3.93 -4.64 24.64
CA ASN B 265 4.85 -3.71 23.96
C ASN B 265 4.26 -2.90 22.80
N SER B 266 2.94 -2.71 22.81
CA SER B 266 2.28 -1.97 21.73
C SER B 266 1.28 -0.96 22.29
N ILE B 267 1.10 0.14 21.56
CA ILE B 267 0.15 1.19 21.94
C ILE B 267 -1.23 0.86 21.39
N VAL B 268 -2.20 0.72 22.29
CA VAL B 268 -3.58 0.40 21.90
C VAL B 268 -4.22 1.59 21.20
N VAL B 269 -4.80 1.33 20.03
CA VAL B 269 -5.48 2.36 19.26
C VAL B 269 -6.90 1.94 18.87
N LYS B 270 -7.80 2.92 18.82
CA LYS B 270 -9.10 2.69 18.23
C LYS B 270 -8.96 2.83 16.71
N SER B 271 -10.07 2.63 16.00
CA SER B 271 -10.05 2.54 14.54
C SER B 271 -9.63 3.83 13.82
N THR B 272 -9.66 4.95 14.55
CA THR B 272 -9.18 6.25 14.07
C THR B 272 -7.66 6.42 14.21
N MET B 273 -7.01 5.44 14.85
CA MET B 273 -5.59 5.43 15.21
C MET B 273 -5.27 6.28 16.42
N GLU B 274 -6.30 6.77 17.12
CA GLU B 274 -6.07 7.60 18.29
C GLU B 274 -5.81 6.71 19.48
N THR B 275 -4.87 7.14 20.31
CA THR B 275 -4.58 6.49 21.59
C THR B 275 -5.64 6.93 22.61
N ASN B 276 -5.43 6.62 23.88
CA ASN B 276 -6.31 7.13 24.96
C ASN B 276 -6.11 8.61 25.25
N ILE B 277 -5.05 9.21 24.70
CA ILE B 277 -4.84 10.65 24.82
C ILE B 277 -5.28 11.32 23.52
N GLU B 278 -6.31 12.16 23.60
CA GLU B 278 -6.82 12.86 22.42
C GLU B 278 -5.73 13.73 21.81
N GLY B 279 -5.61 13.68 20.49
CA GLY B 279 -4.56 14.40 19.77
C GLY B 279 -3.27 13.59 19.56
N PHE B 280 -3.20 12.43 20.21
CA PHE B 280 -2.04 11.56 20.19
C PHE B 280 -2.45 10.28 19.45
N PHE B 281 -1.87 10.08 18.27
CA PHE B 281 -2.22 8.95 17.39
C PHE B 281 -1.02 8.00 17.23
N ALA B 282 -1.29 6.79 16.73
CA ALA B 282 -0.22 5.82 16.47
C ALA B 282 -0.43 5.06 15.15
N ALA B 283 0.65 4.56 14.58
CA ALA B 283 0.57 3.79 13.32
C ALA B 283 1.82 2.93 13.14
N GLY B 284 1.68 1.83 12.40
CA GLY B 284 2.79 0.91 12.16
C GLY B 284 2.91 -0.13 13.24
N ASP B 285 4.10 -0.69 13.38
CA ASP B 285 4.36 -1.78 14.31
C ASP B 285 4.15 -1.40 15.77
N ILE B 286 4.18 -0.12 16.11
CA ILE B 286 3.97 0.33 17.51
C ILE B 286 2.54 0.13 17.97
N CYS B 287 1.59 0.23 17.05
CA CYS B 287 0.18 0.20 17.43
C CYS B 287 -0.37 -1.22 17.46
N THR B 288 -1.44 -1.40 18.23
CA THR B 288 -2.15 -2.65 18.24
C THR B 288 -3.65 -2.46 18.39
N TYR B 289 -4.34 -3.54 18.07
CA TYR B 289 -5.79 -3.66 18.07
C TYR B 289 -6.08 -5.09 17.71
N GLU B 290 -7.30 -5.55 17.93
CA GLU B 290 -7.64 -6.91 17.59
C GLU B 290 -7.50 -7.11 16.07
N GLY B 291 -6.68 -8.08 15.67
CA GLY B 291 -6.47 -8.42 14.27
C GLY B 291 -5.27 -7.73 13.65
N LYS B 292 -4.57 -6.89 14.42
CA LYS B 292 -3.41 -6.14 13.91
C LYS B 292 -2.34 -7.12 13.40
N VAL B 293 -1.81 -6.83 12.21
CA VAL B 293 -0.68 -7.58 11.69
C VAL B 293 0.47 -6.60 11.51
N ASN B 294 1.65 -7.00 11.95
CA ASN B 294 2.84 -6.19 11.80
C ASN B 294 3.40 -6.39 10.42
N LEU B 295 2.92 -5.55 9.50
CA LEU B 295 3.33 -5.53 8.11
C LEU B 295 3.53 -4.10 7.67
N ILE B 296 4.37 -3.92 6.68
CA ILE B 296 4.56 -2.62 6.07
C ILE B 296 3.26 -2.10 5.44
N ALA B 297 2.58 -2.96 4.67
CA ALA B 297 1.33 -2.59 4.00
C ALA B 297 0.28 -2.12 4.99
N SER B 298 0.20 -2.84 6.10
CA SER B 298 -0.71 -2.51 7.19
C SER B 298 -0.40 -1.12 7.78
N GLY B 299 0.87 -0.89 8.09
CA GLY B 299 1.34 0.42 8.57
C GLY B 299 1.11 1.55 7.59
N PHE B 300 1.29 1.28 6.30
CA PHE B 300 1.06 2.30 5.27
C PHE B 300 -0.41 2.72 5.18
N GLY B 301 -1.33 1.84 5.56
CA GLY B 301 -2.74 2.18 5.60
C GLY B 301 -3.12 2.94 6.87
N GLU B 302 -2.48 2.57 7.96
CA GLU B 302 -2.71 3.22 9.25
C GLU B 302 -2.22 4.65 9.26
N ALA B 303 -1.15 4.92 8.52
CA ALA B 303 -0.56 6.26 8.43
C ALA B 303 -1.54 7.37 8.00
N PRO B 304 -2.16 7.23 6.80
CA PRO B 304 -3.12 8.25 6.38
C PRO B 304 -4.35 8.30 7.26
N THR B 305 -4.72 7.17 7.86
CA THR B 305 -5.83 7.14 8.80
C THR B 305 -5.52 8.06 9.98
N ALA B 306 -4.34 7.89 10.57
CA ALA B 306 -3.86 8.74 11.65
C ALA B 306 -3.78 10.23 11.26
N VAL B 307 -3.14 10.54 10.12
CA VAL B 307 -2.98 11.93 9.67
C VAL B 307 -4.34 12.60 9.48
N ASN B 308 -5.23 11.92 8.78
CA ASN B 308 -6.53 12.51 8.46
C ASN B 308 -7.40 12.75 9.69
N ASN B 309 -7.36 11.84 10.64
CA ASN B 309 -8.03 12.03 11.93
C ASN B 309 -7.37 13.09 12.83
N ALA B 310 -6.04 13.23 12.72
CA ALA B 310 -5.31 14.31 13.40
C ALA B 310 -5.71 15.68 12.84
N LYS B 311 -5.88 15.74 11.53
CA LYS B 311 -6.37 16.95 10.87
C LYS B 311 -7.76 17.35 11.36
N ALA B 312 -8.65 16.36 11.49
CA ALA B 312 -10.02 16.58 11.96
C ALA B 312 -10.06 17.01 13.42
N TYR B 313 -9.12 16.51 14.22
CA TYR B 313 -8.96 16.93 15.61
C TYR B 313 -8.56 18.40 15.72
N MET B 314 -7.61 18.82 14.87
CA MET B 314 -7.10 20.19 14.90
C MET B 314 -8.10 21.21 14.38
N ASP B 315 -8.91 20.79 13.41
CA ASP B 315 -9.93 21.67 12.82
C ASP B 315 -11.17 20.83 12.52
N PRO B 316 -12.05 20.64 13.53
CA PRO B 316 -13.31 19.90 13.36
C PRO B 316 -14.25 20.39 12.24
N LYS B 317 -13.87 21.50 11.59
CA LYS B 317 -14.52 21.98 10.37
C LYS B 317 -13.93 21.30 9.13
N ALA B 318 -12.61 21.09 9.13
CA ALA B 318 -11.93 20.31 8.08
C ALA B 318 -12.32 18.83 8.12
N ARG B 319 -12.39 18.21 6.93
CA ARG B 319 -12.89 16.83 6.79
C ARG B 319 -11.79 15.80 7.05
N VAL B 320 -12.19 14.55 7.30
CA VAL B 320 -11.23 13.43 7.37
C VAL B 320 -10.81 13.03 5.94
N GLN B 321 -11.77 13.00 5.03
CA GLN B 321 -11.56 12.49 3.67
C GLN B 321 -10.74 13.44 2.80
N PRO B 322 -9.56 12.99 2.32
CA PRO B 322 -8.76 13.85 1.46
C PRO B 322 -9.37 14.06 0.06
N LEU B 323 -8.97 15.16 -0.57
CA LEU B 323 -9.21 15.37 -2.01
C LEU B 323 -8.27 14.44 -2.80
N HIS B 324 -8.58 14.23 -4.06
CA HIS B 324 -7.82 13.27 -4.87
C HIS B 324 -6.41 13.79 -5.14
N SER B 325 -5.41 12.93 -4.97
CA SER B 325 -4.02 13.30 -5.26
C SER B 325 -3.83 13.50 -6.77
N THR B 326 -4.54 12.69 -7.56
CA THR B 326 -4.61 12.85 -9.01
C THR B 326 -4.95 14.30 -9.39
N SER B 327 -5.65 14.99 -8.47
CA SER B 327 -6.16 16.34 -8.68
C SER B 327 -5.29 17.41 -8.00
N LEU B 328 -4.90 17.16 -6.75
CA LEU B 328 -4.11 18.12 -5.96
C LEU B 328 -2.82 18.60 -6.64
N PHE B 329 -2.17 17.72 -7.40
CA PHE B 329 -0.90 18.05 -8.06
C PHE B 329 -1.11 18.35 -9.53
#